data_8ZLX
#
_entry.id   8ZLX
#
_cell.length_a   134.451
_cell.length_b   134.451
_cell.length_c   35.944
_cell.angle_alpha   90.00
_cell.angle_beta   90.00
_cell.angle_gamma   90.00
#
_symmetry.space_group_name_H-M   'P 43'
#
loop_
_entity.id
_entity.type
_entity.pdbx_description
1 polymer 'Calmodulin (CaM)'
2 polymer 'Serine/threonine-protein phosphatase with EF-hands 2'
3 water water
#
loop_
_entity_poly.entity_id
_entity_poly.type
_entity_poly.pdbx_seq_one_letter_code
_entity_poly.pdbx_strand_id
1 'polypeptide(L)'
;GPGSEFMADQLTEEQIAEFKEAFSLFDKDGDGTITTKELGTVMRSLGQNPTEAELQDMINEVDADGNGTIDFPEFLTMMA
RKMKDTDSEEEIREAFRVFDKDGNGYISAAELRHVMTNLGEKLTDEEVDEMIREADIDGDGQVNYEEFVQMMTAK
;
B,D,C,A
2 'polypeptide(L)' GPGSEFAAALIQRWYRRYMARLEM d,a,b,c
#
# COMPACT_ATOMS: atom_id res chain seq x y z
N ASP A 9 23.50 0.38 2.88
CA ASP A 9 24.50 1.44 3.17
C ASP A 9 23.77 2.78 3.29
N GLN A 10 24.49 3.91 3.23
CA GLN A 10 23.92 5.28 3.25
C GLN A 10 23.29 5.58 1.88
N LEU A 11 22.28 4.80 1.48
CA LEU A 11 21.59 4.88 0.16
C LEU A 11 20.37 5.79 0.24
N THR A 12 19.91 6.27 -0.92
CA THR A 12 18.85 7.32 -1.08
C THR A 12 17.46 6.69 -0.88
N GLU A 13 16.47 7.51 -0.51
CA GLU A 13 15.05 7.12 -0.46
C GLU A 13 14.62 6.69 -1.87
N GLU A 14 14.94 7.52 -2.87
CA GLU A 14 14.56 7.35 -4.31
C GLU A 14 15.28 6.11 -4.87
N GLN A 15 16.56 5.96 -4.52
CA GLN A 15 17.46 4.90 -5.06
C GLN A 15 16.98 3.53 -4.57
N ILE A 16 16.82 3.35 -3.26
CA ILE A 16 16.19 2.13 -2.69
C ILE A 16 14.89 1.85 -3.46
N ALA A 17 14.08 2.86 -3.77
CA ALA A 17 12.80 2.65 -4.48
C ALA A 17 13.10 2.22 -5.92
N GLU A 18 13.89 3.01 -6.64
CA GLU A 18 14.34 2.68 -8.02
C GLU A 18 14.72 1.21 -8.03
N PHE A 19 15.58 0.77 -7.09
CA PHE A 19 16.26 -0.56 -7.06
C PHE A 19 15.32 -1.69 -6.63
N LYS A 20 14.34 -1.40 -5.78
CA LYS A 20 13.23 -2.34 -5.43
C LYS A 20 12.42 -2.62 -6.70
N GLU A 21 12.03 -1.57 -7.42
CA GLU A 21 11.11 -1.72 -8.57
C GLU A 21 11.86 -2.50 -9.66
N ALA A 22 13.11 -2.16 -9.93
CA ALA A 22 13.99 -2.91 -10.86
C ALA A 22 13.98 -4.39 -10.48
N PHE A 23 14.10 -4.68 -9.19
CA PHE A 23 14.22 -6.06 -8.65
C PHE A 23 12.91 -6.81 -8.87
N SER A 24 11.80 -6.14 -8.56
CA SER A 24 10.45 -6.74 -8.61
C SER A 24 10.02 -7.00 -10.08
N LEU A 25 10.72 -6.42 -11.06
CA LEU A 25 10.45 -6.66 -12.50
C LEU A 25 10.84 -8.11 -12.83
N PHE A 26 11.81 -8.66 -12.09
CA PHE A 26 12.39 -10.00 -12.36
C PHE A 26 11.93 -11.01 -11.30
N ASP A 27 11.26 -10.57 -10.24
CA ASP A 27 10.57 -11.46 -9.27
C ASP A 27 9.14 -11.67 -9.80
N LYS A 28 8.94 -12.75 -10.56
CA LYS A 28 7.64 -13.08 -11.23
C LYS A 28 6.67 -13.64 -10.18
N ASP A 29 7.16 -14.55 -9.33
CA ASP A 29 6.37 -15.22 -8.25
C ASP A 29 6.11 -14.26 -7.08
N GLY A 30 6.87 -13.17 -6.95
CA GLY A 30 6.86 -12.29 -5.75
C GLY A 30 7.31 -13.02 -4.48
N ASP A 31 8.44 -13.72 -4.52
CA ASP A 31 9.03 -14.47 -3.38
C ASP A 31 10.31 -13.77 -2.88
N GLY A 32 10.52 -12.51 -3.28
CA GLY A 32 11.66 -11.66 -2.86
C GLY A 32 13.00 -12.12 -3.40
N THR A 33 13.00 -12.97 -4.43
CA THR A 33 14.24 -13.55 -5.01
C THR A 33 14.21 -13.39 -6.53
N ILE A 34 15.39 -13.28 -7.14
CA ILE A 34 15.65 -13.33 -8.60
C ILE A 34 16.72 -14.39 -8.80
N THR A 35 16.86 -14.93 -10.01
CA THR A 35 17.93 -15.90 -10.34
C THR A 35 19.21 -15.10 -10.61
N THR A 36 20.37 -15.70 -10.31
CA THR A 36 21.73 -15.21 -10.69
C THR A 36 21.81 -14.98 -12.22
N LYS A 37 21.14 -15.81 -13.02
CA LYS A 37 21.16 -15.77 -14.51
C LYS A 37 20.28 -14.63 -15.01
N GLU A 38 19.70 -13.85 -14.10
CA GLU A 38 18.88 -12.64 -14.39
C GLU A 38 19.50 -11.40 -13.73
N LEU A 39 20.62 -11.54 -13.03
CA LEU A 39 21.30 -10.40 -12.35
C LEU A 39 21.72 -9.37 -13.40
N GLY A 40 22.43 -9.80 -14.45
CA GLY A 40 22.91 -8.93 -15.54
C GLY A 40 21.76 -8.19 -16.18
N THR A 41 20.66 -8.89 -16.41
CA THR A 41 19.39 -8.35 -16.98
C THR A 41 18.86 -7.19 -16.12
N VAL A 42 18.87 -7.31 -14.80
CA VAL A 42 18.29 -6.27 -13.89
C VAL A 42 19.20 -5.04 -13.86
N MET A 43 20.52 -5.23 -13.91
CA MET A 43 21.50 -4.12 -13.81
C MET A 43 21.53 -3.36 -15.15
N ARG A 44 21.28 -4.07 -16.25
CA ARG A 44 21.12 -3.50 -17.62
C ARG A 44 19.81 -2.70 -17.69
N SER A 45 18.77 -3.14 -16.98
CA SER A 45 17.46 -2.45 -16.89
C SER A 45 17.63 -1.12 -16.13
N LEU A 46 18.72 -1.01 -15.35
CA LEU A 46 19.06 0.22 -14.56
C LEU A 46 20.09 1.05 -15.34
N GLY A 47 20.36 0.65 -16.58
CA GLY A 47 21.33 1.31 -17.47
C GLY A 47 22.76 1.08 -17.04
N GLN A 48 23.01 0.16 -16.11
CA GLN A 48 24.40 -0.30 -15.80
C GLN A 48 24.80 -1.24 -16.93
N ASN A 49 26.10 -1.41 -17.20
CA ASN A 49 26.62 -2.28 -18.30
C ASN A 49 27.76 -3.11 -17.75
N PRO A 50 27.49 -4.06 -16.84
CA PRO A 50 28.57 -4.79 -16.17
C PRO A 50 29.27 -5.76 -17.14
N THR A 51 30.57 -5.98 -16.95
CA THR A 51 31.45 -6.87 -17.77
C THR A 51 31.27 -8.31 -17.28
N GLU A 52 31.40 -9.29 -18.18
CA GLU A 52 31.18 -10.73 -17.88
C GLU A 52 31.74 -11.06 -16.49
N ALA A 53 33.02 -10.70 -16.27
CA ALA A 53 33.78 -11.01 -15.03
C ALA A 53 33.33 -10.14 -13.86
N GLU A 54 32.65 -9.00 -14.13
CA GLU A 54 32.06 -8.13 -13.07
C GLU A 54 30.85 -8.82 -12.43
N LEU A 55 30.19 -9.75 -13.15
CA LEU A 55 28.99 -10.51 -12.67
C LEU A 55 29.43 -11.79 -11.95
N GLN A 56 30.36 -12.55 -12.54
CA GLN A 56 30.89 -13.81 -11.96
C GLN A 56 31.27 -13.56 -10.50
N ASP A 57 32.01 -12.47 -10.25
CA ASP A 57 32.58 -12.09 -8.93
C ASP A 57 31.45 -11.67 -7.98
N MET A 58 30.52 -10.84 -8.45
CA MET A 58 29.30 -10.46 -7.68
C MET A 58 28.53 -11.71 -7.27
N ILE A 59 28.41 -12.68 -8.19
CA ILE A 59 27.50 -13.86 -8.06
C ILE A 59 28.06 -14.88 -7.05
N ASN A 60 29.39 -15.06 -6.99
CA ASN A 60 30.09 -16.04 -6.10
C ASN A 60 29.96 -15.59 -4.63
N GLU A 61 30.26 -14.31 -4.36
CA GLU A 61 29.91 -13.57 -3.12
C GLU A 61 28.58 -14.12 -2.56
N VAL A 62 27.57 -14.28 -3.43
CA VAL A 62 26.22 -14.83 -3.10
C VAL A 62 26.28 -16.37 -3.07
N ASP A 63 26.59 -16.99 -4.22
CA ASP A 63 26.67 -18.48 -4.40
C ASP A 63 25.28 -19.08 -4.13
N ASN A 67 21.00 -22.35 -4.09
CA ASN A 67 19.67 -21.97 -4.62
C ASN A 67 19.81 -21.41 -6.05
N GLY A 68 20.97 -20.83 -6.36
CA GLY A 68 21.16 -20.00 -7.56
C GLY A 68 20.21 -18.81 -7.53
N THR A 69 20.14 -18.12 -6.38
CA THR A 69 19.10 -17.11 -6.04
C THR A 69 19.69 -15.97 -5.20
N ILE A 70 19.19 -14.75 -5.42
CA ILE A 70 19.58 -13.47 -4.72
C ILE A 70 18.33 -12.87 -4.09
N ASP A 71 18.34 -12.62 -2.78
CA ASP A 71 17.24 -11.86 -2.11
C ASP A 71 17.51 -10.36 -2.28
N PHE A 72 16.52 -9.50 -1.94
CA PHE A 72 16.56 -8.03 -2.09
C PHE A 72 17.65 -7.39 -1.22
N PRO A 73 17.79 -7.68 0.10
CA PRO A 73 18.86 -7.08 0.90
C PRO A 73 20.27 -7.26 0.28
N GLU A 74 20.65 -8.47 -0.11
CA GLU A 74 22.02 -8.71 -0.69
C GLU A 74 22.10 -8.13 -2.10
N PHE A 75 20.99 -7.99 -2.81
CA PHE A 75 20.96 -7.26 -4.11
C PHE A 75 21.27 -5.78 -3.85
N LEU A 76 20.52 -5.17 -2.94
CA LEU A 76 20.72 -3.76 -2.50
C LEU A 76 22.19 -3.54 -2.13
N THR A 77 22.78 -4.51 -1.42
CA THR A 77 24.19 -4.52 -0.92
C THR A 77 25.11 -4.46 -2.14
N MET A 78 25.01 -5.44 -3.04
CA MET A 78 25.77 -5.55 -4.31
C MET A 78 25.77 -4.21 -5.04
N MET A 79 24.60 -3.58 -5.14
CA MET A 79 24.40 -2.26 -5.79
C MET A 79 25.31 -1.25 -5.08
N ALA A 80 24.98 -0.95 -3.82
CA ALA A 80 25.67 0.00 -2.93
C ALA A 80 27.18 -0.25 -2.95
N ARG A 81 27.63 -1.48 -3.23
CA ARG A 81 29.08 -1.82 -3.32
C ARG A 81 29.66 -1.27 -4.63
N LYS A 82 28.87 -1.24 -5.72
CA LYS A 82 29.26 -0.65 -7.03
C LYS A 82 28.97 0.87 -7.06
N MET A 83 28.01 1.36 -6.28
CA MET A 83 27.54 2.78 -6.29
C MET A 83 28.44 3.67 -5.43
N LYS A 84 29.08 3.12 -4.38
CA LYS A 84 30.07 3.84 -3.53
C LYS A 84 31.45 3.75 -4.19
N ASP A 85 31.68 2.72 -5.01
CA ASP A 85 32.96 2.52 -5.75
C ASP A 85 32.68 1.72 -7.03
N ASP A 87 36.40 4.56 -8.04
CA ASP A 87 34.99 4.26 -8.40
C ASP A 87 34.96 3.42 -9.67
N SER A 88 35.45 4.00 -10.78
CA SER A 88 35.06 3.63 -12.15
C SER A 88 36.28 3.57 -13.08
N GLU A 89 36.04 3.23 -14.35
CA GLU A 89 37.00 3.33 -15.48
C GLU A 89 37.28 4.80 -15.79
N GLU A 90 36.57 5.74 -15.13
CA GLU A 90 36.77 7.21 -15.30
C GLU A 90 38.17 7.58 -14.77
N GLU A 91 38.63 6.94 -13.70
CA GLU A 91 39.95 7.23 -13.09
C GLU A 91 41.06 6.72 -14.04
N ILE A 92 40.93 5.49 -14.56
CA ILE A 92 41.90 4.91 -15.55
C ILE A 92 42.02 5.84 -16.76
N ARG A 93 40.89 6.12 -17.42
CA ARG A 93 40.75 7.14 -18.49
C ARG A 93 41.52 8.41 -18.08
N GLU A 94 41.30 8.88 -16.86
CA GLU A 94 41.89 10.16 -16.39
C GLU A 94 43.42 10.02 -16.25
N ALA A 95 43.92 8.85 -15.79
CA ALA A 95 45.35 8.62 -15.54
C ALA A 95 46.11 8.73 -16.89
N PHE A 96 45.62 8.08 -17.95
CA PHE A 96 46.08 8.26 -19.36
C PHE A 96 46.09 9.74 -19.77
N ARG A 97 44.96 10.42 -19.59
CA ARG A 97 44.79 11.86 -19.91
C ARG A 97 46.00 12.66 -19.37
N VAL A 98 46.57 12.30 -18.22
CA VAL A 98 47.77 12.97 -17.65
C VAL A 98 48.89 12.96 -18.72
N PHE A 99 48.90 11.98 -19.62
CA PHE A 99 50.03 11.72 -20.56
C PHE A 99 49.65 12.15 -21.99
N ASP A 100 48.54 12.86 -22.12
CA ASP A 100 47.94 13.24 -23.42
C ASP A 100 47.78 14.75 -23.46
N LYS A 101 48.82 15.50 -23.86
CA LYS A 101 48.78 16.99 -23.95
C LYS A 101 47.54 17.43 -24.75
N ASP A 102 47.32 16.83 -25.94
CA ASP A 102 46.23 17.14 -26.89
C ASP A 102 44.88 17.08 -26.17
N GLY A 103 44.63 15.96 -25.48
CA GLY A 103 43.30 15.61 -24.96
C GLY A 103 42.38 15.13 -26.07
N ASN A 104 42.93 14.48 -27.11
CA ASN A 104 42.18 13.96 -28.28
C ASN A 104 41.89 12.46 -28.11
N GLY A 105 42.10 11.93 -26.89
CA GLY A 105 41.82 10.53 -26.50
C GLY A 105 42.85 9.54 -27.01
N TYR A 106 43.94 10.04 -27.60
CA TYR A 106 45.01 9.27 -28.29
C TYR A 106 46.35 9.54 -27.61
N ILE A 107 47.07 8.47 -27.26
CA ILE A 107 48.48 8.53 -26.76
C ILE A 107 49.35 7.71 -27.73
N SER A 108 50.47 8.28 -28.17
CA SER A 108 51.42 7.62 -29.13
C SER A 108 51.96 6.34 -28.48
N ALA A 109 52.22 5.31 -29.27
CA ALA A 109 52.83 4.04 -28.79
C ALA A 109 54.22 4.27 -28.16
N ALA A 110 55.00 5.22 -28.69
CA ALA A 110 56.37 5.56 -28.21
C ALA A 110 56.33 6.22 -26.81
N GLU A 111 55.49 7.24 -26.61
CA GLU A 111 55.32 7.94 -25.29
C GLU A 111 54.78 6.93 -24.26
N LEU A 112 53.62 6.30 -24.52
CA LEU A 112 53.07 5.25 -23.61
C LEU A 112 54.16 4.27 -23.18
N ARG A 113 54.96 3.73 -24.11
CA ARG A 113 56.05 2.74 -23.84
C ARG A 113 57.08 3.36 -22.89
N HIS A 114 57.49 4.61 -23.14
CA HIS A 114 58.48 5.34 -22.32
C HIS A 114 57.92 5.57 -20.92
N VAL A 115 56.62 5.87 -20.79
CA VAL A 115 55.96 6.17 -19.48
C VAL A 115 55.84 4.89 -18.63
N MET A 116 55.35 3.81 -19.24
CA MET A 116 55.25 2.49 -18.59
C MET A 116 56.64 1.95 -18.17
N THR A 117 57.72 2.28 -18.87
CA THR A 117 59.03 1.62 -18.63
C THR A 117 59.82 2.42 -17.60
N ASN A 118 59.41 3.66 -17.29
CA ASN A 118 60.26 4.65 -16.59
C ASN A 118 59.60 5.23 -15.34
N LEU A 119 58.28 5.45 -15.33
CA LEU A 119 57.54 6.02 -14.17
C LEU A 119 56.85 4.90 -13.40
N GLY A 120 56.45 5.18 -12.16
CA GLY A 120 55.64 4.31 -11.30
C GLY A 120 56.26 2.94 -11.14
N GLU A 121 55.43 1.90 -11.07
CA GLU A 121 55.92 0.52 -10.87
C GLU A 121 56.33 0.01 -12.26
N LYS A 122 57.49 0.47 -12.72
CA LYS A 122 57.97 0.33 -14.11
C LYS A 122 57.57 -1.06 -14.63
N LEU A 123 57.02 -1.15 -15.86
CA LEU A 123 56.67 -2.42 -16.55
C LEU A 123 57.95 -3.02 -17.11
N THR A 124 58.07 -4.35 -17.11
CA THR A 124 59.17 -5.07 -17.82
C THR A 124 59.01 -4.85 -19.31
N ASP A 125 60.08 -5.01 -20.10
CA ASP A 125 59.99 -4.95 -21.60
C ASP A 125 59.12 -6.13 -22.03
N GLU A 126 59.18 -7.25 -21.29
CA GLU A 126 58.24 -8.37 -21.47
C GLU A 126 56.82 -7.77 -21.56
N GLU A 127 56.43 -7.10 -20.46
CA GLU A 127 55.04 -6.65 -20.21
C GLU A 127 54.66 -5.59 -21.27
N VAL A 128 55.53 -4.60 -21.49
CA VAL A 128 55.14 -3.38 -22.25
C VAL A 128 55.08 -3.69 -23.74
N ASP A 129 55.49 -4.89 -24.14
CA ASP A 129 55.31 -5.35 -25.55
C ASP A 129 53.92 -5.98 -25.69
N GLU A 130 53.48 -6.77 -24.70
CA GLU A 130 52.10 -7.39 -24.67
C GLU A 130 51.04 -6.29 -24.49
N MET A 131 51.32 -5.24 -23.71
CA MET A 131 50.44 -4.05 -23.56
C MET A 131 50.22 -3.38 -24.92
N ILE A 132 51.30 -2.96 -25.59
CA ILE A 132 51.21 -2.19 -26.88
C ILE A 132 50.59 -3.06 -27.97
N ARG A 133 50.94 -4.36 -28.00
CA ARG A 133 50.47 -5.34 -29.01
C ARG A 133 48.94 -5.48 -28.92
N GLU A 134 48.36 -5.48 -27.71
CA GLU A 134 46.89 -5.58 -27.48
C GLU A 134 46.25 -4.19 -27.47
N ALA A 135 47.06 -3.12 -27.39
CA ALA A 135 46.62 -1.70 -27.35
C ALA A 135 46.56 -1.09 -28.76
N ASP A 136 46.93 -1.84 -29.81
CA ASP A 136 46.89 -1.45 -31.24
C ASP A 136 45.46 -1.04 -31.63
N GLY A 139 47.75 -1.72 -35.19
CA GLY A 139 47.34 -0.29 -35.15
C GLY A 139 48.24 0.58 -35.99
N ASP A 140 48.35 1.87 -35.65
CA ASP A 140 49.10 2.90 -36.41
C ASP A 140 50.21 3.49 -35.52
N GLY A 141 50.59 2.80 -34.44
CA GLY A 141 51.54 3.30 -33.42
C GLY A 141 50.96 4.50 -32.67
N GLN A 142 49.64 4.50 -32.50
CA GLN A 142 48.82 5.63 -31.98
C GLN A 142 47.69 5.02 -31.15
N VAL A 143 47.90 4.85 -29.85
CA VAL A 143 46.93 4.14 -28.96
C VAL A 143 45.74 5.08 -28.72
N ASN A 144 44.53 4.50 -28.68
CA ASN A 144 43.25 5.21 -28.45
C ASN A 144 42.68 4.75 -27.11
N TYR A 145 43.04 5.45 -26.03
CA TYR A 145 43.13 4.87 -24.67
C TYR A 145 41.74 4.54 -24.15
N GLU A 146 40.70 5.31 -24.51
CA GLU A 146 39.28 4.96 -24.24
C GLU A 146 39.05 3.49 -24.62
N GLU A 147 39.39 3.12 -25.86
CA GLU A 147 39.32 1.73 -26.38
C GLU A 147 40.03 0.80 -25.40
N PHE A 148 41.27 1.11 -25.05
CA PHE A 148 42.14 0.21 -24.26
C PHE A 148 41.61 0.07 -22.83
N VAL A 149 40.90 1.07 -22.33
CA VAL A 149 40.28 1.01 -20.97
C VAL A 149 39.07 0.06 -21.05
N GLN A 150 38.42 -0.03 -22.21
CA GLN A 150 37.39 -1.05 -22.55
C GLN A 150 37.98 -2.45 -22.43
N MET A 151 39.30 -2.60 -22.64
CA MET A 151 40.10 -3.82 -22.39
C MET A 151 39.79 -4.85 -23.48
N GLU B 5 -8.00 -3.42 19.51
CA GLU B 5 -8.07 -2.79 18.12
C GLU B 5 -6.66 -2.29 17.73
N PHE B 6 -5.70 -3.19 17.58
CA PHE B 6 -4.24 -2.90 17.74
C PHE B 6 -3.79 -1.78 16.79
N MET B 7 -3.27 -0.70 17.37
CA MET B 7 -2.66 0.48 16.72
C MET B 7 -3.72 1.39 16.08
N ALA B 8 -5.02 1.14 16.28
CA ALA B 8 -6.11 1.97 15.73
C ALA B 8 -6.11 3.34 16.42
N ASP B 9 -5.59 3.38 17.65
CA ASP B 9 -5.51 4.60 18.49
C ASP B 9 -4.35 5.49 17.99
N GLN B 10 -3.30 4.88 17.42
CA GLN B 10 -1.94 5.48 17.31
C GLN B 10 -1.61 5.84 15.87
N LEU B 11 -1.65 4.84 14.97
CA LEU B 11 -1.29 5.02 13.53
C LEU B 11 -2.57 5.03 12.70
N THR B 12 -2.48 5.55 11.47
CA THR B 12 -3.53 5.53 10.42
C THR B 12 -3.32 4.29 9.52
N GLU B 13 -4.36 3.87 8.79
CA GLU B 13 -4.27 2.75 7.81
C GLU B 13 -3.06 2.93 6.88
N GLU B 14 -2.84 4.14 6.33
CA GLU B 14 -1.86 4.36 5.22
C GLU B 14 -0.47 4.40 5.83
N GLN B 15 -0.36 4.82 7.09
CA GLN B 15 0.92 4.75 7.83
C GLN B 15 1.31 3.27 7.96
N ILE B 16 0.39 2.43 8.46
CA ILE B 16 0.64 0.99 8.78
C ILE B 16 1.03 0.28 7.47
N ALA B 17 0.29 0.59 6.39
CA ALA B 17 0.62 0.12 5.02
C ALA B 17 2.05 0.55 4.66
N GLU B 18 2.41 1.82 4.84
CA GLU B 18 3.76 2.33 4.45
C GLU B 18 4.82 1.56 5.28
N PHE B 19 4.65 1.52 6.60
CA PHE B 19 5.56 0.80 7.52
C PHE B 19 5.68 -0.67 7.06
N LYS B 20 4.56 -1.34 6.82
CA LYS B 20 4.60 -2.74 6.30
C LYS B 20 5.49 -2.79 5.05
N GLU B 21 5.21 -1.94 4.05
CA GLU B 21 5.89 -2.04 2.73
C GLU B 21 7.40 -1.94 2.95
N ALA B 22 7.82 -1.06 3.86
CA ALA B 22 9.24 -0.77 4.19
C ALA B 22 9.86 -1.92 4.97
N PHE B 23 9.15 -2.46 5.97
CA PHE B 23 9.68 -3.48 6.93
C PHE B 23 9.82 -4.83 6.21
N SER B 24 8.73 -5.30 5.61
CA SER B 24 8.64 -6.64 4.98
C SER B 24 9.73 -6.79 3.90
N LEU B 25 10.12 -5.68 3.29
CA LEU B 25 11.12 -5.69 2.18
C LEU B 25 12.44 -6.31 2.68
N PHE B 26 12.71 -6.32 3.99
CA PHE B 26 13.97 -6.89 4.56
C PHE B 26 13.72 -8.22 5.24
N ASP B 27 12.48 -8.73 5.22
CA ASP B 27 12.14 -10.06 5.80
C ASP B 27 12.53 -11.18 4.81
N LYS B 28 13.73 -11.76 4.99
CA LYS B 28 14.39 -12.77 4.12
C LYS B 28 13.66 -14.12 4.19
N ASP B 29 13.49 -14.66 5.42
CA ASP B 29 12.89 -15.99 5.73
C ASP B 29 11.36 -15.88 5.87
N GLY B 30 10.82 -14.66 5.84
CA GLY B 30 9.37 -14.40 5.86
C GLY B 30 8.70 -14.84 7.16
N ASP B 31 9.37 -14.70 8.31
CA ASP B 31 8.79 -15.03 9.65
C ASP B 31 8.21 -13.78 10.33
N GLY B 32 8.45 -12.60 9.74
CA GLY B 32 7.84 -11.33 10.15
C GLY B 32 8.76 -10.52 11.04
N THR B 33 10.06 -10.68 10.83
CA THR B 33 11.14 -10.06 11.64
C THR B 33 12.30 -9.75 10.71
N ILE B 34 12.95 -8.61 10.89
CA ILE B 34 14.17 -8.20 10.13
C ILE B 34 15.35 -8.15 11.12
N THR B 35 16.57 -8.43 10.67
CA THR B 35 17.82 -8.17 11.45
C THR B 35 17.79 -6.68 11.82
N THR B 36 18.09 -6.32 13.07
CA THR B 36 17.89 -4.93 13.57
C THR B 36 18.77 -3.98 12.76
N LYS B 37 19.93 -4.43 12.27
CA LYS B 37 20.90 -3.67 11.41
C LYS B 37 20.21 -3.14 10.15
N GLU B 38 19.09 -3.74 9.73
CA GLU B 38 18.38 -3.31 8.50
C GLU B 38 17.62 -2.02 8.81
N LEU B 39 17.46 -1.67 10.09
CA LEU B 39 16.52 -0.63 10.58
C LEU B 39 16.92 0.72 9.97
N GLY B 40 18.22 0.94 9.82
CA GLY B 40 18.74 2.12 9.12
C GLY B 40 18.15 2.23 7.73
N THR B 41 18.29 1.18 6.92
CA THR B 41 17.81 1.11 5.51
C THR B 41 16.27 1.19 5.52
N VAL B 42 15.59 0.57 6.50
CA VAL B 42 14.11 0.66 6.60
C VAL B 42 13.70 2.13 6.79
N MET B 43 14.41 2.94 7.59
CA MET B 43 14.04 4.37 7.82
C MET B 43 14.48 5.19 6.60
N ARG B 44 15.59 4.84 5.97
CA ARG B 44 16.07 5.61 4.79
C ARG B 44 15.01 5.46 3.68
N SER B 45 14.52 4.23 3.47
CA SER B 45 13.33 3.85 2.64
C SER B 45 12.17 4.81 2.87
N LEU B 46 12.03 5.35 4.09
CA LEU B 46 10.83 6.13 4.49
C LEU B 46 11.13 7.63 4.44
N GLY B 47 12.30 8.02 3.91
CA GLY B 47 12.72 9.44 3.79
C GLY B 47 13.20 10.04 5.11
N GLN B 48 13.49 9.22 6.12
CA GLN B 48 14.19 9.67 7.35
C GLN B 48 15.68 9.46 7.10
N ASN B 49 16.55 10.14 7.86
CA ASN B 49 18.02 10.00 7.87
C ASN B 49 18.48 10.00 9.32
N PRO B 50 18.07 8.99 10.12
CA PRO B 50 18.44 8.93 11.54
C PRO B 50 19.91 8.54 11.79
N THR B 51 20.43 9.05 12.90
CA THR B 51 21.79 8.77 13.46
C THR B 51 21.85 7.35 13.99
N GLU B 52 23.05 6.78 14.13
CA GLU B 52 23.27 5.48 14.80
C GLU B 52 22.61 5.49 16.19
N ALA B 53 22.97 6.45 17.03
CA ALA B 53 22.44 6.64 18.41
C ALA B 53 20.93 6.85 18.36
N GLU B 54 20.42 7.45 17.29
CA GLU B 54 18.96 7.64 17.13
C GLU B 54 18.28 6.26 17.07
N LEU B 55 18.87 5.31 16.35
CA LEU B 55 18.25 3.98 16.08
C LEU B 55 18.44 3.14 17.33
N GLN B 56 19.58 3.27 18.00
CA GLN B 56 19.81 2.60 19.30
C GLN B 56 18.71 3.07 20.28
N ASP B 57 18.34 4.35 20.28
CA ASP B 57 17.23 4.87 21.13
C ASP B 57 15.89 4.22 20.73
N MET B 58 15.54 4.21 19.44
CA MET B 58 14.24 3.64 18.96
C MET B 58 14.12 2.17 19.44
N ILE B 59 15.24 1.44 19.42
CA ILE B 59 15.37 0.01 19.82
C ILE B 59 15.16 -0.13 21.34
N ASN B 60 15.86 0.70 22.11
CA ASN B 60 15.73 0.79 23.58
C ASN B 60 14.27 1.06 23.96
N GLU B 61 13.58 1.93 23.20
CA GLU B 61 12.20 2.42 23.50
C GLU B 61 11.25 1.23 23.72
N VAL B 62 11.57 0.09 23.13
CA VAL B 62 10.70 -1.10 22.99
C VAL B 62 11.35 -2.28 23.71
N ASP B 63 12.49 -2.07 24.38
CA ASP B 63 13.20 -3.12 25.14
C ASP B 63 13.73 -4.20 24.20
N ALA B 64 14.11 -3.85 22.98
CA ALA B 64 14.84 -4.76 22.05
C ALA B 64 16.35 -4.46 22.08
N ASP B 65 16.85 -3.68 23.04
CA ASP B 65 18.31 -3.43 23.28
C ASP B 65 19.12 -4.69 22.87
N GLY B 66 19.68 -4.65 21.66
CA GLY B 66 20.60 -5.65 21.07
C GLY B 66 19.96 -7.01 20.92
N ASN B 67 18.70 -7.06 20.48
CA ASN B 67 17.86 -8.29 20.46
C ASN B 67 17.99 -9.03 19.12
N GLY B 68 18.95 -8.64 18.26
CA GLY B 68 19.38 -9.39 17.06
C GLY B 68 18.41 -9.25 15.88
N THR B 69 17.14 -9.55 16.10
CA THR B 69 16.00 -9.26 15.19
C THR B 69 15.00 -8.35 15.91
N ILE B 70 14.04 -7.81 15.15
CA ILE B 70 13.01 -6.83 15.62
C ILE B 70 11.66 -7.25 15.02
N ASP B 71 10.63 -7.33 15.86
CA ASP B 71 9.21 -7.61 15.53
C ASP B 71 8.58 -6.44 14.79
N PHE B 72 7.51 -6.72 14.05
CA PHE B 72 6.71 -5.68 13.36
C PHE B 72 5.88 -4.90 14.37
N PRO B 73 5.13 -5.54 15.30
CA PRO B 73 4.46 -4.80 16.37
C PRO B 73 5.43 -3.89 17.15
N GLU B 74 6.63 -4.42 17.48
CA GLU B 74 7.79 -3.65 18.02
C GLU B 74 8.09 -2.46 17.11
N PHE B 75 8.26 -2.67 15.80
CA PHE B 75 8.58 -1.56 14.85
C PHE B 75 7.43 -0.55 14.84
N LEU B 76 6.17 -1.03 14.92
CA LEU B 76 4.98 -0.13 14.94
C LEU B 76 5.05 0.74 16.20
N THR B 77 5.32 0.17 17.36
CA THR B 77 5.40 0.91 18.65
C THR B 77 6.45 2.02 18.57
N MET B 78 7.67 1.69 18.15
CA MET B 78 8.82 2.62 17.93
C MET B 78 8.34 3.86 17.19
N MET B 79 7.89 3.65 15.96
CA MET B 79 7.45 4.71 15.03
C MET B 79 6.40 5.58 15.71
N ALA B 80 5.43 4.97 16.39
CA ALA B 80 4.21 5.64 16.89
C ALA B 80 4.52 6.45 18.14
N ARG B 81 5.63 6.09 18.82
CA ARG B 81 6.11 6.84 20.01
C ARG B 81 6.99 8.01 19.55
N LYS B 82 7.84 7.78 18.54
CA LYS B 82 8.80 8.78 18.01
C LYS B 82 8.05 9.85 17.22
N MET B 83 6.91 9.53 16.61
CA MET B 83 6.06 10.51 15.87
C MET B 83 5.47 11.57 16.82
N LYS B 84 5.35 11.27 18.12
CA LYS B 84 4.59 12.07 19.12
C LYS B 84 5.49 12.47 20.30
N ASP B 85 6.80 12.21 20.22
CA ASP B 85 7.77 12.51 21.31
C ASP B 85 8.11 14.00 21.31
N THR B 86 7.51 14.78 22.20
CA THR B 86 7.80 16.23 22.29
C THR B 86 8.81 16.51 23.41
N ASP B 87 9.38 15.47 24.03
CA ASP B 87 10.38 15.60 25.14
C ASP B 87 11.51 16.55 24.69
N SER B 88 11.94 17.41 25.64
CA SER B 88 12.93 18.50 25.47
C SER B 88 14.30 17.93 25.12
N GLU B 89 14.72 16.89 25.84
CA GLU B 89 15.99 16.15 25.60
C GLU B 89 16.05 15.79 24.11
N GLU B 90 14.97 15.21 23.60
CA GLU B 90 14.87 14.76 22.19
C GLU B 90 15.00 15.97 21.24
N GLU B 91 14.38 17.12 21.54
CA GLU B 91 14.55 18.33 20.68
C GLU B 91 16.05 18.65 20.60
N ILE B 92 16.74 18.59 21.73
CA ILE B 92 18.15 19.06 21.79
C ILE B 92 19.01 18.08 21.00
N ARG B 93 18.80 16.78 21.18
CA ARG B 93 19.54 15.75 20.43
C ARG B 93 19.27 15.98 18.94
N GLU B 94 18.02 16.23 18.58
CA GLU B 94 17.63 16.39 17.15
C GLU B 94 18.35 17.62 16.55
N ALA B 95 18.41 18.75 17.28
CA ALA B 95 19.07 20.00 16.81
C ALA B 95 20.54 19.73 16.50
N PHE B 96 21.26 19.01 17.37
CA PHE B 96 22.70 18.70 17.19
C PHE B 96 22.90 17.85 15.94
N ARG B 97 22.10 16.78 15.82
CA ARG B 97 22.14 15.80 14.68
C ARG B 97 21.97 16.49 13.32
N VAL B 98 21.49 17.74 13.25
CA VAL B 98 21.40 18.45 11.95
C VAL B 98 22.82 18.83 11.49
N PHE B 99 23.81 18.71 12.36
CA PHE B 99 25.19 19.19 12.10
C PHE B 99 26.13 17.98 12.08
N ASP B 100 25.57 16.80 12.37
CA ASP B 100 26.26 15.50 12.25
C ASP B 100 25.93 14.88 10.89
N LYS B 101 26.73 15.19 9.87
CA LYS B 101 26.48 14.82 8.44
C LYS B 101 26.34 13.30 8.31
N ASP B 102 27.31 12.54 8.84
CA ASP B 102 27.44 11.06 8.70
C ASP B 102 26.47 10.34 9.66
N GLY B 103 26.36 10.81 10.91
CA GLY B 103 25.44 10.25 11.90
C GLY B 103 26.16 9.34 12.87
N ASN B 104 27.48 9.51 13.02
CA ASN B 104 28.35 8.65 13.88
C ASN B 104 28.24 9.09 15.34
N GLY B 105 27.51 10.16 15.61
CA GLY B 105 27.26 10.64 16.98
C GLY B 105 28.30 11.64 17.46
N TYR B 106 29.10 12.19 16.53
CA TYR B 106 30.17 13.19 16.74
C TYR B 106 30.10 14.34 15.72
N ILE B 107 30.85 15.39 16.03
CA ILE B 107 30.95 16.65 15.26
C ILE B 107 32.29 17.27 15.61
N SER B 108 33.08 17.62 14.59
CA SER B 108 34.46 18.12 14.80
C SER B 108 34.32 19.37 15.67
N ALA B 109 35.19 19.55 16.66
CA ALA B 109 35.33 20.83 17.37
C ALA B 109 35.23 21.98 16.36
N ALA B 110 36.04 21.95 15.31
CA ALA B 110 36.12 23.02 14.28
C ALA B 110 34.75 23.30 13.67
N GLU B 111 33.93 22.27 13.49
CA GLU B 111 32.62 22.37 12.80
C GLU B 111 31.61 22.97 13.79
N LEU B 112 31.64 22.48 15.04
CA LEU B 112 30.75 22.94 16.13
C LEU B 112 31.00 24.43 16.34
N ARG B 113 32.26 24.79 16.51
CA ARG B 113 32.72 26.19 16.66
C ARG B 113 32.18 27.04 15.52
N HIS B 114 32.37 26.57 14.29
CA HIS B 114 31.90 27.29 13.08
C HIS B 114 30.39 27.56 13.14
N VAL B 115 29.58 26.59 13.58
CA VAL B 115 28.09 26.72 13.63
C VAL B 115 27.66 27.66 14.76
N MET B 116 28.27 27.51 15.94
CA MET B 116 27.93 28.28 17.15
C MET B 116 28.26 29.76 16.97
N THR B 117 29.19 30.10 16.08
CA THR B 117 29.70 31.47 15.85
C THR B 117 28.99 32.16 14.68
N ASN B 118 28.50 31.43 13.67
CA ASN B 118 28.03 31.98 12.36
C ASN B 118 26.52 31.82 12.18
N LEU B 119 25.88 30.87 12.88
CA LEU B 119 24.41 30.68 12.86
C LEU B 119 23.77 31.14 14.19
N GLY B 120 22.50 31.60 14.12
CA GLY B 120 21.52 31.65 15.22
C GLY B 120 21.69 32.88 16.08
N GLU B 121 21.51 32.73 17.41
CA GLU B 121 21.86 33.75 18.45
C GLU B 121 23.38 33.74 18.70
N LYS B 122 24.15 34.02 17.64
CA LYS B 122 25.61 33.70 17.48
C LYS B 122 26.38 33.91 18.79
N LEU B 123 27.05 32.86 19.28
CA LEU B 123 27.93 32.87 20.47
C LEU B 123 29.16 33.72 20.18
N THR B 124 29.74 34.32 21.23
CA THR B 124 31.05 35.04 21.22
C THR B 124 32.19 34.03 21.24
N ASP B 125 33.42 34.47 20.94
CA ASP B 125 34.59 33.56 20.87
C ASP B 125 34.93 33.09 22.30
N GLU B 126 34.70 33.92 23.32
CA GLU B 126 34.94 33.53 24.75
C GLU B 126 33.90 32.47 25.15
N GLU B 127 32.63 32.73 24.81
CA GLU B 127 31.47 31.85 25.11
C GLU B 127 31.69 30.49 24.47
N VAL B 128 32.11 30.46 23.19
CA VAL B 128 32.24 29.21 22.38
C VAL B 128 33.52 28.47 22.74
N ASP B 129 34.60 29.18 23.04
CA ASP B 129 35.83 28.61 23.64
C ASP B 129 35.42 27.70 24.80
N GLU B 130 34.65 28.26 25.75
CA GLU B 130 34.20 27.55 26.98
C GLU B 130 33.30 26.35 26.62
N MET B 131 32.53 26.42 25.53
CA MET B 131 31.67 25.27 25.10
C MET B 131 32.55 24.13 24.57
N ILE B 132 33.55 24.42 23.75
CA ILE B 132 34.40 23.35 23.14
C ILE B 132 35.15 22.64 24.27
N ARG B 133 35.69 23.39 25.24
CA ARG B 133 36.49 22.84 26.37
C ARG B 133 35.67 21.84 27.18
N GLU B 134 34.35 22.06 27.25
CA GLU B 134 33.36 21.24 27.99
C GLU B 134 32.79 20.13 27.10
N ALA B 135 32.73 20.29 25.78
CA ALA B 135 32.03 19.34 24.89
C ALA B 135 33.03 18.36 24.24
N ASP B 136 34.20 18.85 23.85
CA ASP B 136 35.38 18.01 23.56
C ASP B 136 35.70 17.29 24.88
N ILE B 137 34.93 16.22 25.16
CA ILE B 137 34.81 15.55 26.49
C ILE B 137 35.94 14.52 26.64
N ASP B 138 36.13 13.67 25.63
CA ASP B 138 36.83 12.37 25.67
C ASP B 138 37.92 12.39 24.61
N GLY B 139 39.04 13.05 24.89
CA GLY B 139 40.12 13.32 23.93
C GLY B 139 39.99 14.71 23.32
N ASP B 140 40.43 14.88 22.07
CA ASP B 140 40.54 16.20 21.40
C ASP B 140 40.01 16.08 19.96
N GLY B 141 39.49 17.19 19.42
CA GLY B 141 39.06 17.36 18.01
C GLY B 141 37.62 16.97 17.77
N GLN B 142 37.10 15.92 18.43
CA GLN B 142 35.77 15.33 18.13
C GLN B 142 34.83 15.49 19.32
N VAL B 143 33.60 15.98 19.09
CA VAL B 143 32.59 16.28 20.15
C VAL B 143 31.52 15.18 20.14
N ASN B 144 31.49 14.35 21.19
CA ASN B 144 30.41 13.36 21.40
C ASN B 144 29.15 14.12 21.88
N TYR B 145 28.31 14.59 20.97
CA TYR B 145 27.21 15.52 21.35
C TYR B 145 26.18 14.77 22.20
N GLU B 146 26.02 13.46 22.06
CA GLU B 146 25.01 12.70 22.83
C GLU B 146 25.40 12.76 24.31
N GLU B 147 26.68 12.53 24.64
CA GLU B 147 27.21 12.62 26.03
C GLU B 147 27.21 14.09 26.44
N PHE B 148 27.67 15.01 25.59
CA PHE B 148 27.59 16.46 25.89
C PHE B 148 26.20 16.82 26.40
N VAL B 149 25.17 16.26 25.76
CA VAL B 149 23.76 16.51 26.13
C VAL B 149 23.43 15.72 27.40
N GLN B 150 23.96 14.50 27.55
CA GLN B 150 23.85 13.70 28.81
C GLN B 150 24.38 14.56 29.96
N MET B 151 25.61 15.08 29.84
CA MET B 151 26.30 15.90 30.89
C MET B 151 25.35 16.96 31.46
N MET B 152 24.71 17.74 30.59
CA MET B 152 23.89 18.92 30.96
C MET B 152 22.40 18.56 31.00
N THR B 153 22.07 17.28 31.20
CA THR B 153 20.69 16.76 31.40
C THR B 153 20.41 16.72 32.90
N ALA B 154 21.31 16.11 33.67
CA ALA B 154 21.32 16.14 35.15
C ALA B 154 21.64 17.57 35.61
N LYS B 155 21.41 17.86 36.90
CA LYS B 155 21.81 19.13 37.58
C LYS B 155 21.39 20.34 36.74
N GLY C 1 20.75 27.80 6.41
CA GLY C 1 19.42 28.45 6.14
C GLY C 1 18.62 28.74 7.40
N PRO C 2 17.40 29.33 7.28
CA PRO C 2 16.55 29.61 8.43
C PRO C 2 16.40 28.35 9.30
N GLY C 3 16.32 27.18 8.65
CA GLY C 3 16.21 25.87 9.33
C GLY C 3 17.39 25.56 10.24
N SER C 4 18.59 25.64 9.69
CA SER C 4 19.91 25.47 10.37
C SER C 4 20.18 26.58 11.40
N GLU C 5 19.72 27.79 11.13
CA GLU C 5 19.86 28.91 12.09
C GLU C 5 19.05 28.56 13.34
N PHE C 6 17.94 27.84 13.20
CA PHE C 6 16.96 27.57 14.30
C PHE C 6 17.50 26.43 15.15
N ALA C 7 18.06 25.40 14.52
CA ALA C 7 18.76 24.31 15.23
C ALA C 7 19.89 24.94 16.04
N ALA C 8 20.73 25.75 15.41
CA ALA C 8 21.91 26.35 16.07
C ALA C 8 21.42 27.18 17.27
N ALA C 9 20.35 27.92 17.09
CA ALA C 9 19.76 28.87 18.05
C ALA C 9 19.12 28.09 19.20
N LEU C 10 18.62 26.88 18.93
CA LEU C 10 17.97 26.05 19.96
C LEU C 10 19.06 25.61 20.94
N ILE C 11 20.19 25.13 20.40
CA ILE C 11 21.41 24.72 21.14
C ILE C 11 21.99 25.90 21.95
N GLN C 12 22.00 27.10 21.39
CA GLN C 12 22.54 28.30 22.07
C GLN C 12 21.63 28.59 23.26
N ARG C 13 20.32 28.73 23.01
CA ARG C 13 19.31 29.04 24.06
C ARG C 13 19.47 28.04 25.22
N TRP C 14 19.65 26.77 24.88
CA TRP C 14 19.69 25.68 25.88
C TRP C 14 20.97 25.75 26.69
N TYR C 15 22.11 26.01 26.04
CA TYR C 15 23.44 26.03 26.69
C TYR C 15 23.47 27.22 27.67
N ARG C 16 23.19 28.41 27.13
CA ARG C 16 23.11 29.69 27.89
C ARG C 16 22.28 29.44 29.15
N ARG C 17 21.07 28.86 29.05
CA ARG C 17 20.17 28.63 30.22
C ARG C 17 20.86 27.69 31.19
N TYR C 18 21.59 26.69 30.70
CA TYR C 18 22.30 25.74 31.59
C TYR C 18 23.44 26.47 32.31
N MET C 19 24.19 27.29 31.57
CA MET C 19 25.32 28.08 32.10
C MET C 19 24.84 29.10 33.13
N ALA C 20 23.73 29.77 32.85
CA ALA C 20 23.14 30.83 33.70
C ALA C 20 22.62 30.22 35.02
N ARG C 21 22.26 28.94 35.04
CA ARG C 21 21.92 28.18 36.27
C ARG C 21 23.21 27.81 37.00
N LEU C 22 24.36 27.98 36.34
CA LEU C 22 25.75 27.66 36.82
C LEU C 22 25.93 26.14 36.91
N GLY D 1 -30.48 5.52 -17.93
CA GLY D 1 -29.66 6.71 -17.75
C GLY D 1 -28.64 6.46 -16.65
N PRO D 2 -28.34 7.48 -15.82
CA PRO D 2 -27.38 7.33 -14.74
C PRO D 2 -27.61 6.07 -13.90
N GLY D 3 -28.88 5.78 -13.60
CA GLY D 3 -29.28 4.64 -12.77
C GLY D 3 -28.86 3.31 -13.36
N SER D 4 -29.14 3.07 -14.63
CA SER D 4 -28.85 1.79 -15.29
C SER D 4 -27.40 1.77 -15.80
N GLU D 5 -26.70 2.90 -15.73
CA GLU D 5 -25.24 3.00 -15.92
C GLU D 5 -24.54 2.52 -14.64
N PHE D 6 -25.14 2.81 -13.47
CA PHE D 6 -24.67 2.28 -12.17
C PHE D 6 -24.78 0.74 -12.15
N ALA D 7 -25.96 0.21 -12.43
CA ALA D 7 -26.28 -1.24 -12.46
C ALA D 7 -25.33 -1.95 -13.41
N ALA D 8 -25.09 -1.38 -14.59
CA ALA D 8 -24.16 -1.92 -15.61
C ALA D 8 -22.76 -1.99 -15.00
N ALA D 9 -22.31 -0.87 -14.43
CA ALA D 9 -20.91 -0.67 -14.00
C ALA D 9 -20.64 -1.58 -12.78
N LEU D 10 -21.66 -1.95 -12.01
CA LEU D 10 -21.52 -2.85 -10.84
C LEU D 10 -21.33 -4.30 -11.33
N ILE D 11 -22.19 -4.74 -12.25
CA ILE D 11 -22.05 -6.02 -13.00
C ILE D 11 -20.64 -6.08 -13.64
N GLN D 12 -20.17 -5.01 -14.27
CA GLN D 12 -18.91 -5.02 -15.04
C GLN D 12 -17.73 -5.18 -14.04
N ARG D 13 -17.65 -4.34 -13.00
CA ARG D 13 -16.61 -4.43 -11.95
C ARG D 13 -16.52 -5.85 -11.37
N TRP D 14 -17.66 -6.42 -11.00
CA TRP D 14 -17.77 -7.77 -10.40
C TRP D 14 -17.27 -8.83 -11.39
N TYR D 15 -17.62 -8.69 -12.67
CA TYR D 15 -17.25 -9.68 -13.70
C TYR D 15 -15.72 -9.61 -13.92
N ARG D 16 -15.16 -8.41 -14.04
CA ARG D 16 -13.69 -8.23 -14.24
C ARG D 16 -12.91 -8.79 -13.03
N ARG D 17 -13.43 -8.66 -11.81
CA ARG D 17 -12.82 -9.21 -10.58
C ARG D 17 -12.80 -10.73 -10.67
N TYR D 18 -13.94 -11.31 -11.04
CA TYR D 18 -14.14 -12.77 -11.18
C TYR D 18 -13.09 -13.27 -12.15
N MET D 19 -12.97 -12.62 -13.31
CA MET D 19 -12.06 -13.06 -14.42
C MET D 19 -10.59 -12.82 -14.05
N ALA D 20 -10.29 -11.76 -13.29
CA ALA D 20 -8.95 -11.50 -12.72
C ALA D 20 -8.51 -12.66 -11.81
N ARG D 21 -9.45 -13.17 -11.00
CA ARG D 21 -9.27 -14.34 -10.10
C ARG D 21 -8.99 -15.59 -10.97
N LEU D 22 -9.32 -15.55 -12.27
CA LEU D 22 -9.01 -16.56 -13.32
C LEU D 22 -10.00 -17.72 -13.20
N ASP E 9 -11.32 -20.24 -3.22
CA ASP E 9 -9.99 -19.82 -2.70
C ASP E 9 -9.06 -19.64 -3.91
N GLN E 10 -9.48 -18.86 -4.92
CA GLN E 10 -8.80 -18.78 -6.24
C GLN E 10 -7.71 -17.68 -6.24
N LEU E 11 -6.94 -17.57 -5.15
CA LEU E 11 -5.80 -16.64 -5.01
C LEU E 11 -4.62 -17.15 -5.82
N THR E 12 -3.74 -16.24 -6.24
CA THR E 12 -2.51 -16.53 -7.04
C THR E 12 -1.36 -16.93 -6.11
N GLU E 13 -0.29 -17.46 -6.68
CA GLU E 13 0.95 -17.83 -5.95
C GLU E 13 1.46 -16.59 -5.19
N GLU E 14 1.31 -15.40 -5.80
CA GLU E 14 1.90 -14.10 -5.33
C GLU E 14 1.05 -13.51 -4.20
N GLN E 15 -0.28 -13.57 -4.34
CA GLN E 15 -1.19 -13.05 -3.29
C GLN E 15 -0.95 -13.87 -2.02
N ILE E 16 -0.90 -15.20 -2.16
CA ILE E 16 -0.75 -16.16 -1.03
C ILE E 16 0.54 -15.84 -0.26
N ALA E 17 1.67 -15.62 -0.94
CA ALA E 17 2.98 -15.25 -0.31
C ALA E 17 2.87 -13.86 0.31
N GLU E 18 2.16 -12.93 -0.34
CA GLU E 18 1.90 -11.58 0.24
C GLU E 18 1.10 -11.73 1.56
N PHE E 19 0.04 -12.53 1.60
CA PHE E 19 -0.82 -12.71 2.80
C PHE E 19 -0.08 -13.46 3.90
N LYS E 20 0.73 -14.46 3.52
CA LYS E 20 1.54 -15.28 4.47
C LYS E 20 2.52 -14.36 5.22
N GLU E 21 3.26 -13.51 4.49
CA GLU E 21 4.20 -12.52 5.09
C GLU E 21 3.43 -11.58 6.03
N ALA E 22 2.31 -11.01 5.58
CA ALA E 22 1.46 -10.09 6.37
C ALA E 22 0.95 -10.79 7.62
N PHE E 23 0.49 -12.03 7.49
CA PHE E 23 -0.05 -12.80 8.64
C PHE E 23 1.07 -12.98 9.67
N SER E 24 2.26 -13.38 9.23
CA SER E 24 3.40 -13.70 10.13
C SER E 24 4.03 -12.43 10.77
N LEU E 25 3.80 -11.22 10.23
CA LEU E 25 4.24 -9.94 10.85
C LEU E 25 3.58 -9.82 12.21
N PHE E 26 2.37 -10.38 12.37
CA PHE E 26 1.60 -10.33 13.63
C PHE E 26 1.62 -11.68 14.33
N ASP E 27 2.06 -12.76 13.70
CA ASP E 27 2.27 -14.05 14.43
C ASP E 27 3.62 -13.97 15.12
N LYS E 28 3.59 -13.47 16.36
CA LYS E 28 4.78 -13.17 17.21
C LYS E 28 5.44 -14.48 17.61
N ASP E 29 4.68 -15.34 18.31
CA ASP E 29 5.11 -16.65 18.85
C ASP E 29 5.34 -17.64 17.70
N GLY E 30 4.80 -17.35 16.52
CA GLY E 30 5.08 -18.09 15.27
C GLY E 30 4.18 -19.31 15.13
N ASP E 31 3.07 -19.34 15.88
CA ASP E 31 2.18 -20.52 16.06
C ASP E 31 1.05 -20.54 15.02
N GLY E 32 1.22 -19.85 13.88
CA GLY E 32 0.25 -19.82 12.76
C GLY E 32 -1.11 -19.21 13.16
N THR E 33 -1.13 -18.35 14.18
CA THR E 33 -2.33 -17.74 14.83
C THR E 33 -2.09 -16.24 15.10
N ILE E 34 -3.13 -15.44 14.90
CA ILE E 34 -3.25 -13.99 15.24
C ILE E 34 -4.55 -13.85 16.00
N THR E 35 -4.69 -12.84 16.87
CA THR E 35 -5.95 -12.53 17.59
C THR E 35 -6.85 -11.77 16.64
N THR E 36 -8.16 -11.78 16.87
CA THR E 36 -9.17 -11.04 16.06
C THR E 36 -9.02 -9.52 16.30
N LYS E 37 -8.59 -9.11 17.49
CA LYS E 37 -8.27 -7.69 17.82
C LYS E 37 -7.10 -7.21 16.92
N GLU E 38 -6.43 -8.08 16.16
CA GLU E 38 -5.35 -7.71 15.20
C GLU E 38 -5.79 -7.91 13.73
N LEU E 39 -7.00 -8.39 13.47
CA LEU E 39 -7.42 -8.65 12.07
C LEU E 39 -7.42 -7.34 11.28
N GLY E 40 -8.15 -6.32 11.75
CA GLY E 40 -8.05 -4.95 11.21
C GLY E 40 -6.62 -4.55 10.89
N THR E 41 -5.66 -4.80 11.81
CA THR E 41 -4.29 -4.26 11.68
C THR E 41 -3.57 -4.90 10.49
N VAL E 42 -3.70 -6.22 10.28
CA VAL E 42 -3.03 -6.98 9.17
C VAL E 42 -3.60 -6.53 7.82
N MET E 43 -4.93 -6.39 7.75
CA MET E 43 -5.64 -5.93 6.53
C MET E 43 -5.21 -4.51 6.14
N ARG E 44 -5.02 -3.63 7.14
CA ARG E 44 -4.51 -2.26 6.93
C ARG E 44 -3.03 -2.35 6.50
N SER E 45 -2.27 -3.32 7.01
CA SER E 45 -0.87 -3.53 6.60
C SER E 45 -0.83 -3.94 5.13
N LEU E 46 -1.93 -4.51 4.59
CA LEU E 46 -1.99 -5.04 3.19
C LEU E 46 -2.55 -3.97 2.25
N GLY E 47 -2.67 -2.73 2.74
CA GLY E 47 -3.07 -1.57 1.95
C GLY E 47 -4.57 -1.50 1.82
N GLN E 48 -5.30 -2.23 2.68
CA GLN E 48 -6.78 -2.18 2.70
C GLN E 48 -7.22 -1.13 3.73
N ASN E 49 -8.46 -0.64 3.56
CA ASN E 49 -9.17 0.24 4.51
C ASN E 49 -10.51 -0.43 4.81
N PRO E 50 -10.49 -1.57 5.54
CA PRO E 50 -11.71 -2.32 5.81
C PRO E 50 -12.63 -1.49 6.70
N THR E 51 -13.94 -1.57 6.46
CA THR E 51 -14.97 -0.83 7.23
C THR E 51 -15.17 -1.57 8.55
N GLU E 52 -15.62 -0.87 9.60
CA GLU E 52 -15.95 -1.46 10.93
C GLU E 52 -16.95 -2.61 10.74
N ALA E 53 -17.87 -2.48 9.78
CA ALA E 53 -18.94 -3.47 9.51
C ALA E 53 -18.39 -4.62 8.63
N GLU E 54 -17.49 -4.32 7.70
CA GLU E 54 -16.74 -5.34 6.93
C GLU E 54 -16.01 -6.28 7.92
N LEU E 55 -15.45 -5.72 9.01
CA LEU E 55 -14.58 -6.43 10.00
C LEU E 55 -15.41 -7.23 11.02
N GLN E 56 -16.54 -6.70 11.49
CA GLN E 56 -17.52 -7.46 12.32
C GLN E 56 -18.02 -8.65 11.48
N ASP E 57 -18.47 -8.39 10.24
CA ASP E 57 -18.91 -9.44 9.28
C ASP E 57 -17.90 -10.58 9.36
N MET E 58 -16.62 -10.27 9.13
CA MET E 58 -15.50 -11.25 9.16
C MET E 58 -15.29 -11.86 10.55
N ILE E 59 -15.17 -11.02 11.61
CA ILE E 59 -14.82 -11.46 13.00
C ILE E 59 -15.97 -12.28 13.58
N ASN E 60 -17.16 -12.24 12.97
CA ASN E 60 -18.39 -12.93 13.46
C ASN E 60 -18.61 -14.28 12.75
N GLU E 61 -18.33 -14.37 11.45
CA GLU E 61 -18.21 -15.66 10.70
C GLU E 61 -17.14 -16.56 11.36
N VAL E 62 -16.78 -16.30 12.63
CA VAL E 62 -15.97 -17.18 13.53
C VAL E 62 -16.48 -17.02 14.97
N ASP E 63 -17.75 -17.41 15.21
CA ASP E 63 -18.49 -17.39 16.51
C ASP E 63 -18.05 -16.19 17.36
N GLY E 68 -10.69 -16.68 20.94
CA GLY E 68 -10.79 -15.61 19.93
C GLY E 68 -9.49 -15.43 19.17
N THR E 69 -9.22 -16.34 18.23
CA THR E 69 -8.03 -16.31 17.34
C THR E 69 -8.45 -16.76 15.93
N ILE E 70 -7.54 -16.55 14.98
CA ILE E 70 -7.67 -16.89 13.53
C ILE E 70 -6.41 -17.63 13.12
N ASP E 71 -6.55 -18.88 12.65
CA ASP E 71 -5.43 -19.65 12.03
C ASP E 71 -5.24 -19.13 10.61
N PHE E 72 -4.03 -19.23 10.08
CA PHE E 72 -3.67 -18.77 8.72
C PHE E 72 -4.73 -19.25 7.70
N PRO E 73 -5.08 -20.56 7.58
CA PRO E 73 -6.08 -21.00 6.61
C PRO E 73 -7.45 -20.30 6.66
N GLU E 74 -8.01 -19.91 7.82
CA GLU E 74 -9.31 -19.17 7.84
C GLU E 74 -9.07 -17.68 7.52
N PHE E 75 -7.83 -17.19 7.61
CA PHE E 75 -7.43 -15.82 7.16
C PHE E 75 -7.43 -15.79 5.63
N LEU E 76 -6.67 -16.67 5.00
CA LEU E 76 -6.57 -16.81 3.52
C LEU E 76 -7.96 -16.90 2.87
N THR E 77 -8.90 -17.59 3.53
CA THR E 77 -10.30 -17.78 3.06
C THR E 77 -11.06 -16.44 3.17
N MET E 78 -10.92 -15.70 4.30
CA MET E 78 -11.50 -14.33 4.46
C MET E 78 -10.99 -13.43 3.33
N MET E 79 -9.68 -13.41 3.14
N MET E 79 -9.68 -13.44 3.10
CA MET E 79 -8.96 -12.60 2.13
CA MET E 79 -8.98 -12.57 2.12
C MET E 79 -9.47 -12.96 0.73
C MET E 79 -9.40 -12.95 0.70
N ALA E 80 -9.52 -14.24 0.40
CA ALA E 80 -10.00 -14.74 -0.91
C ALA E 80 -11.47 -14.29 -1.11
N ARG E 81 -12.32 -14.41 -0.09
CA ARG E 81 -13.74 -13.98 -0.13
C ARG E 81 -13.79 -12.44 -0.30
N LYS E 82 -12.93 -11.68 0.39
CA LYS E 82 -12.91 -10.18 0.38
C LYS E 82 -12.50 -9.66 -1.01
N MET E 83 -11.65 -10.40 -1.74
CA MET E 83 -11.30 -10.10 -3.15
C MET E 83 -12.54 -10.33 -4.03
N LYS E 84 -13.10 -11.54 -4.04
CA LYS E 84 -14.32 -11.90 -4.80
C LYS E 84 -15.51 -11.10 -4.26
N THR E 86 -17.77 -6.37 -4.03
CA THR E 86 -17.41 -6.62 -2.61
C THR E 86 -16.64 -5.40 -2.08
N ASP E 87 -17.08 -4.21 -2.47
CA ASP E 87 -16.30 -2.93 -2.38
C ASP E 87 -17.26 -1.85 -1.88
N SER E 88 -17.83 -2.06 -0.70
CA SER E 88 -19.06 -1.40 -0.22
C SER E 88 -18.94 0.12 -0.34
N GLU E 89 -17.84 0.73 0.13
CA GLU E 89 -17.56 2.20 0.05
C GLU E 89 -17.81 2.67 -1.39
N GLU E 90 -17.30 1.93 -2.37
CA GLU E 90 -17.33 2.31 -3.81
C GLU E 90 -18.80 2.33 -4.27
N GLU E 91 -19.55 1.25 -4.00
CA GLU E 91 -20.90 1.01 -4.58
C GLU E 91 -21.92 2.02 -4.01
N ILE E 92 -21.86 2.35 -2.71
CA ILE E 92 -22.80 3.33 -2.07
C ILE E 92 -22.52 4.72 -2.63
N ARG E 93 -21.24 5.10 -2.70
CA ARG E 93 -20.77 6.36 -3.32
C ARG E 93 -21.40 6.49 -4.71
N GLU E 94 -21.34 5.41 -5.49
CA GLU E 94 -21.77 5.37 -6.91
C GLU E 94 -23.32 5.44 -6.96
N ALA E 95 -24.02 4.72 -6.07
CA ALA E 95 -25.48 4.79 -5.98
C ALA E 95 -25.87 6.26 -5.80
N PHE E 96 -25.27 6.97 -4.83
CA PHE E 96 -25.42 8.44 -4.63
C PHE E 96 -25.04 9.26 -5.88
N ARG E 97 -23.92 8.95 -6.52
CA ARG E 97 -23.42 9.64 -7.75
C ARG E 97 -24.47 9.60 -8.88
N VAL E 98 -25.39 8.63 -8.92
CA VAL E 98 -26.50 8.58 -9.93
C VAL E 98 -27.31 9.89 -9.87
N PHE E 99 -27.52 10.42 -8.66
CA PHE E 99 -28.41 11.56 -8.34
C PHE E 99 -27.57 12.82 -8.12
N ASP E 100 -26.28 12.78 -8.48
CA ASP E 100 -25.31 13.91 -8.39
C ASP E 100 -24.84 14.26 -9.80
N LYS E 101 -25.53 15.19 -10.46
CA LYS E 101 -25.34 15.52 -11.89
C LYS E 101 -24.02 16.26 -12.08
N ASP E 102 -23.75 17.31 -11.30
CA ASP E 102 -22.60 18.21 -11.60
C ASP E 102 -21.31 17.44 -11.25
N GLY E 103 -21.41 16.39 -10.44
CA GLY E 103 -20.31 15.45 -10.18
C GLY E 103 -19.41 15.91 -9.03
N ASN E 104 -19.87 16.90 -8.25
CA ASN E 104 -19.07 17.64 -7.24
C ASN E 104 -18.98 16.85 -5.92
N GLY E 105 -19.79 15.80 -5.76
CA GLY E 105 -19.75 14.94 -4.57
C GLY E 105 -20.62 15.49 -3.45
N TYR E 106 -21.51 16.43 -3.78
CA TYR E 106 -22.54 16.93 -2.84
C TYR E 106 -23.90 16.71 -3.50
N ILE E 107 -24.94 16.74 -2.67
CA ILE E 107 -26.35 16.63 -3.14
C ILE E 107 -27.18 17.45 -2.16
N SER E 108 -28.11 18.26 -2.68
CA SER E 108 -29.01 19.11 -1.85
C SER E 108 -29.82 18.21 -0.92
N ALA E 109 -29.91 18.59 0.35
CA ALA E 109 -30.91 18.11 1.33
C ALA E 109 -32.30 18.00 0.67
N ALA E 110 -32.67 18.93 -0.23
CA ALA E 110 -34.00 18.93 -0.91
C ALA E 110 -34.10 17.81 -1.97
N GLU E 111 -33.15 17.65 -2.90
CA GLU E 111 -33.23 16.56 -3.92
C GLU E 111 -33.08 15.19 -3.21
N LEU E 112 -32.16 15.08 -2.23
CA LEU E 112 -31.94 13.79 -1.51
C LEU E 112 -33.25 13.34 -0.88
N ARG E 113 -33.94 14.22 -0.16
CA ARG E 113 -35.27 13.96 0.49
C ARG E 113 -36.27 13.48 -0.55
N HIS E 114 -36.32 14.12 -1.72
CA HIS E 114 -37.28 13.79 -2.79
C HIS E 114 -37.07 12.34 -3.27
N VAL E 115 -35.82 11.94 -3.41
CA VAL E 115 -35.41 10.65 -4.04
C VAL E 115 -35.69 9.51 -3.06
N MET E 116 -35.39 9.73 -1.78
CA MET E 116 -35.54 8.72 -0.70
C MET E 116 -37.02 8.48 -0.35
N THR E 117 -37.88 9.49 -0.46
CA THR E 117 -39.32 9.37 -0.17
C THR E 117 -40.13 9.03 -1.41
N ASN E 118 -39.52 8.96 -2.61
CA ASN E 118 -40.28 8.69 -3.87
C ASN E 118 -39.75 7.50 -4.66
N LEU E 119 -38.49 7.12 -4.52
CA LEU E 119 -37.90 5.97 -5.25
C LEU E 119 -37.58 4.82 -4.28
N GLY E 120 -37.52 3.61 -4.81
CA GLY E 120 -37.04 2.41 -4.10
C GLY E 120 -37.91 2.09 -2.91
N GLU E 121 -37.30 1.52 -1.87
CA GLU E 121 -37.98 1.14 -0.62
C GLU E 121 -38.18 2.44 0.15
N LYS E 122 -39.17 3.21 -0.31
CA LYS E 122 -39.44 4.62 0.06
C LYS E 122 -39.24 4.77 1.57
N LEU E 123 -38.42 5.76 1.98
CA LEU E 123 -38.25 6.17 3.40
C LEU E 123 -39.53 6.90 3.80
N THR E 124 -39.95 6.70 5.04
CA THR E 124 -41.01 7.50 5.70
C THR E 124 -40.52 8.94 5.86
N ASP E 125 -41.38 9.87 6.24
CA ASP E 125 -40.94 11.26 6.50
C ASP E 125 -40.13 11.26 7.80
N GLU E 126 -40.39 10.33 8.72
CA GLU E 126 -39.62 10.24 9.99
C GLU E 126 -38.18 9.82 9.66
N GLU E 127 -38.01 8.74 8.89
CA GLU E 127 -36.69 8.13 8.58
C GLU E 127 -35.77 9.15 7.90
N VAL E 128 -36.29 9.99 6.98
CA VAL E 128 -35.49 10.97 6.17
C VAL E 128 -35.14 12.19 7.02
N ASP E 129 -36.10 12.70 7.78
CA ASP E 129 -35.85 13.74 8.82
C ASP E 129 -34.65 13.30 9.66
N GLU E 130 -34.55 12.00 9.96
CA GLU E 130 -33.42 11.42 10.75
C GLU E 130 -32.16 11.40 9.88
N MET E 131 -32.27 10.97 8.62
CA MET E 131 -31.15 10.92 7.64
C MET E 131 -30.50 12.29 7.48
N ILE E 132 -31.31 13.34 7.27
CA ILE E 132 -30.83 14.71 6.88
C ILE E 132 -30.10 15.37 8.06
N ARG E 133 -30.63 15.24 9.28
CA ARG E 133 -30.00 15.72 10.54
C ARG E 133 -28.57 15.16 10.63
N GLU E 134 -28.41 13.87 10.34
CA GLU E 134 -27.12 13.12 10.46
C GLU E 134 -26.15 13.54 9.35
N ALA E 135 -26.65 14.08 8.24
CA ALA E 135 -25.83 14.73 7.17
C ALA E 135 -25.67 16.21 7.50
N ASP E 136 -24.46 16.62 7.92
CA ASP E 136 -24.12 17.96 8.47
C ASP E 136 -24.24 19.03 7.37
N ILE E 137 -24.41 20.30 7.78
CA ILE E 137 -24.63 21.49 6.91
C ILE E 137 -26.14 21.64 6.62
N ASP E 140 -25.65 25.61 1.28
CA ASP E 140 -25.65 25.76 2.75
C ASP E 140 -26.24 24.47 3.36
N GLY E 141 -27.46 24.12 2.97
CA GLY E 141 -28.09 22.83 3.30
C GLY E 141 -27.78 21.78 2.23
N GLN E 142 -26.48 21.57 1.95
CA GLN E 142 -25.98 20.61 0.94
C GLN E 142 -25.32 19.43 1.66
N VAL E 143 -25.62 18.21 1.22
CA VAL E 143 -25.17 16.94 1.88
C VAL E 143 -23.90 16.50 1.17
N ASN E 144 -22.78 16.40 1.91
CA ASN E 144 -21.53 15.76 1.44
C ASN E 144 -21.69 14.25 1.60
N TYR E 145 -22.03 13.57 0.51
CA TYR E 145 -22.50 12.16 0.54
C TYR E 145 -21.32 11.20 0.71
N GLU E 146 -20.12 11.58 0.28
CA GLU E 146 -18.88 10.77 0.44
C GLU E 146 -18.61 10.57 1.93
N GLU E 147 -18.95 11.55 2.77
CA GLU E 147 -18.75 11.48 4.25
C GLU E 147 -19.93 10.75 4.89
N PHE E 148 -21.11 10.83 4.28
CA PHE E 148 -22.31 10.08 4.71
C PHE E 148 -22.13 8.58 4.42
N VAL E 149 -21.36 8.22 3.38
CA VAL E 149 -20.91 6.82 3.12
C VAL E 149 -20.09 6.35 4.32
N GLN E 150 -19.21 7.23 4.85
CA GLN E 150 -18.29 6.92 5.97
C GLN E 150 -19.14 6.61 7.21
N MET E 151 -20.18 7.40 7.42
CA MET E 151 -21.11 7.30 8.57
C MET E 151 -21.71 5.89 8.64
N MET E 152 -22.34 5.40 7.58
CA MET E 152 -23.02 4.07 7.59
C MET E 152 -22.03 2.97 7.17
N THR E 153 -20.78 3.37 6.88
CA THR E 153 -19.54 2.55 6.71
C THR E 153 -19.76 1.44 5.68
N GLY F 1 58.03 13.74 -10.88
CA GLY F 1 56.79 14.24 -10.23
C GLY F 1 55.97 13.15 -9.55
N PRO F 2 55.71 13.30 -8.24
CA PRO F 2 54.85 12.37 -7.51
C PRO F 2 53.49 12.12 -8.20
N GLY F 3 52.91 13.15 -8.81
CA GLY F 3 51.63 13.05 -9.55
C GLY F 3 51.73 12.15 -10.77
N SER F 4 52.81 12.27 -11.55
CA SER F 4 53.02 11.44 -12.77
C SER F 4 53.34 9.98 -12.36
N GLU F 5 54.08 9.76 -11.28
CA GLU F 5 54.36 8.41 -10.74
C GLU F 5 53.03 7.75 -10.38
N PHE F 6 52.17 8.49 -9.68
CA PHE F 6 50.80 8.04 -9.28
C PHE F 6 50.02 7.64 -10.53
N ALA F 7 49.92 8.54 -11.49
CA ALA F 7 49.12 8.29 -12.71
C ALA F 7 49.63 7.01 -13.39
N ALA F 8 50.94 6.79 -13.38
CA ALA F 8 51.61 5.71 -14.14
C ALA F 8 51.28 4.38 -13.46
N ALA F 9 51.38 4.34 -12.14
CA ALA F 9 51.14 3.16 -11.28
C ALA F 9 49.68 2.74 -11.34
N LEU F 10 48.73 3.68 -11.40
CA LEU F 10 47.25 3.43 -11.54
C LEU F 10 47.03 2.65 -12.84
N ILE F 11 47.56 3.16 -13.93
CA ILE F 11 47.45 2.47 -15.23
C ILE F 11 48.10 1.10 -15.04
N GLN F 12 49.29 1.07 -14.44
CA GLN F 12 50.12 -0.15 -14.32
C GLN F 12 49.37 -1.20 -13.52
N ARG F 13 48.70 -0.81 -12.45
CA ARG F 13 48.01 -1.76 -11.54
C ARG F 13 46.83 -2.37 -12.30
N TRP F 14 46.09 -1.56 -13.06
CA TRP F 14 44.96 -2.02 -13.89
C TRP F 14 45.46 -2.95 -15.00
N TYR F 15 46.65 -2.72 -15.56
CA TYR F 15 47.19 -3.56 -16.68
C TYR F 15 47.60 -4.93 -16.13
N ARG F 16 48.21 -4.97 -14.96
CA ARG F 16 48.63 -6.25 -14.32
C ARG F 16 47.38 -7.03 -13.88
N ARG F 17 46.33 -6.37 -13.36
CA ARG F 17 45.04 -7.04 -12.98
C ARG F 17 44.46 -7.70 -14.25
N TYR F 18 44.56 -7.01 -15.38
CA TYR F 18 43.98 -7.42 -16.69
C TYR F 18 44.64 -8.73 -17.14
N MET F 19 45.98 -8.70 -17.26
CA MET F 19 46.85 -9.83 -17.68
C MET F 19 46.78 -10.98 -16.65
N ALA F 20 46.30 -10.73 -15.42
CA ALA F 20 46.05 -11.74 -14.38
C ALA F 20 44.70 -12.45 -14.63
N ARG F 21 43.71 -11.74 -15.18
CA ARG F 21 42.42 -12.33 -15.66
C ARG F 21 42.11 -13.60 -14.85
N GLY G 1 -36.95 5.08 -13.43
CA GLY G 1 -36.88 3.72 -14.08
C GLY G 1 -36.11 2.71 -13.23
N PRO G 2 -35.98 1.46 -13.72
CA PRO G 2 -35.37 0.40 -12.93
C PRO G 2 -34.02 0.79 -12.32
N GLY G 3 -33.16 1.50 -13.05
CA GLY G 3 -31.82 1.89 -12.57
C GLY G 3 -31.85 2.86 -11.39
N SER G 4 -32.75 3.84 -11.42
CA SER G 4 -32.90 4.84 -10.33
C SER G 4 -33.48 4.14 -9.09
N GLU G 5 -34.47 3.27 -9.28
CA GLU G 5 -35.09 2.54 -8.16
C GLU G 5 -33.94 1.79 -7.46
N PHE G 6 -33.15 1.06 -8.23
CA PHE G 6 -32.00 0.25 -7.73
C PHE G 6 -31.03 1.15 -6.95
N ALA G 7 -30.59 2.26 -7.52
CA ALA G 7 -29.63 3.15 -6.86
C ALA G 7 -30.20 3.57 -5.50
N ALA G 8 -31.49 3.95 -5.45
CA ALA G 8 -32.16 4.49 -4.25
C ALA G 8 -32.28 3.38 -3.21
N ALA G 9 -32.57 2.16 -3.62
CA ALA G 9 -32.82 1.01 -2.70
C ALA G 9 -31.53 0.63 -1.97
N LEU G 10 -30.43 0.50 -2.73
CA LEU G 10 -29.08 0.19 -2.21
C LEU G 10 -28.75 1.22 -1.12
N ILE G 11 -28.96 2.50 -1.39
CA ILE G 11 -28.69 3.55 -0.37
C ILE G 11 -29.57 3.26 0.85
N GLN G 12 -30.88 3.02 0.63
CA GLN G 12 -31.87 2.81 1.72
C GLN G 12 -31.48 1.56 2.53
N ARG G 13 -31.02 0.50 1.90
CA ARG G 13 -30.67 -0.72 2.67
C ARG G 13 -29.56 -0.35 3.65
N TRP G 14 -28.50 0.29 3.16
CA TRP G 14 -27.34 0.70 4.01
C TRP G 14 -27.78 1.69 5.09
N TYR G 15 -28.63 2.65 4.75
CA TYR G 15 -29.10 3.67 5.73
C TYR G 15 -29.86 2.98 6.86
N ARG G 16 -30.67 1.98 6.52
CA ARG G 16 -31.55 1.30 7.51
C ARG G 16 -30.72 0.31 8.33
N ARG G 17 -29.77 -0.38 7.68
CA ARG G 17 -28.74 -1.22 8.36
C ARG G 17 -28.00 -0.39 9.41
N TYR G 18 -27.73 0.88 9.10
CA TYR G 18 -26.95 1.81 9.95
C TYR G 18 -27.79 2.18 11.17
N MET G 19 -29.05 2.53 10.97
CA MET G 19 -29.99 2.92 12.05
C MET G 19 -30.33 1.74 12.97
N ALA G 20 -30.32 0.52 12.43
CA ALA G 20 -30.62 -0.71 13.18
C ALA G 20 -29.51 -0.99 14.20
N ARG G 21 -28.26 -0.62 13.90
CA ARG G 21 -27.11 -0.85 14.80
C ARG G 21 -27.17 0.16 15.96
N LEU G 22 -27.75 1.35 15.74
CA LEU G 22 -27.92 2.43 16.76
C LEU G 22 -29.17 2.14 17.62
N GLU H 5 -44.24 -5.20 21.75
CA GLU H 5 -42.92 -5.89 21.60
C GLU H 5 -42.75 -6.28 20.12
N PHE H 6 -43.42 -7.35 19.66
CA PHE H 6 -43.16 -7.98 18.34
C PHE H 6 -43.11 -6.90 17.25
N MET H 7 -41.93 -6.72 16.64
CA MET H 7 -41.68 -5.97 15.38
C MET H 7 -41.45 -4.50 15.68
N ALA H 8 -41.60 -4.10 16.95
CA ALA H 8 -41.39 -2.72 17.41
C ALA H 8 -39.93 -2.32 17.20
N ASP H 9 -39.00 -3.29 17.28
CA ASP H 9 -37.55 -3.04 17.09
C ASP H 9 -37.24 -2.76 15.61
N GLN H 10 -37.89 -3.46 14.68
CA GLN H 10 -37.44 -3.57 13.27
C GLN H 10 -38.28 -2.72 12.31
N LEU H 11 -39.56 -2.46 12.63
CA LEU H 11 -40.45 -1.68 11.73
C LEU H 11 -41.00 -0.50 12.53
N THR H 12 -41.39 0.57 11.84
CA THR H 12 -42.04 1.76 12.45
C THR H 12 -43.53 1.47 12.53
N GLU H 13 -44.27 2.21 13.37
CA GLU H 13 -45.76 2.16 13.44
C GLU H 13 -46.32 2.28 12.04
N GLU H 14 -45.80 3.20 11.24
CA GLU H 14 -46.34 3.67 9.95
C GLU H 14 -46.16 2.59 8.87
N GLN H 15 -45.02 1.91 8.90
CA GLN H 15 -44.72 0.78 7.97
C GLN H 15 -45.68 -0.37 8.25
N ILE H 16 -45.94 -0.68 9.53
CA ILE H 16 -46.72 -1.88 9.91
C ILE H 16 -48.12 -1.66 9.36
N ALA H 17 -48.59 -0.41 9.41
CA ALA H 17 -49.90 0.04 8.88
C ALA H 17 -49.90 -0.12 7.36
N GLU H 18 -48.86 0.38 6.69
CA GLU H 18 -48.80 0.35 5.20
C GLU H 18 -48.88 -1.11 4.74
N PHE H 19 -47.99 -1.97 5.25
CA PHE H 19 -47.87 -3.43 4.95
C PHE H 19 -49.18 -4.17 5.29
N LYS H 20 -49.83 -3.84 6.42
CA LYS H 20 -51.15 -4.40 6.80
C LYS H 20 -52.15 -4.16 5.68
N GLU H 21 -52.21 -2.89 5.25
CA GLU H 21 -53.27 -2.33 4.38
C GLU H 21 -53.12 -2.95 3.00
N ALA H 22 -51.88 -3.29 2.65
CA ALA H 22 -51.50 -3.86 1.34
C ALA H 22 -51.69 -5.38 1.36
N PHE H 23 -51.31 -6.06 2.46
CA PHE H 23 -51.44 -7.53 2.66
C PHE H 23 -52.92 -7.88 2.78
N SER H 24 -53.67 -7.07 3.54
CA SER H 24 -55.10 -7.27 3.84
C SER H 24 -55.93 -7.30 2.55
N LEU H 25 -55.53 -6.61 1.48
CA LEU H 25 -56.34 -6.58 0.22
C LEU H 25 -56.53 -7.99 -0.35
N PHE H 26 -55.61 -8.92 -0.09
CA PHE H 26 -55.62 -10.26 -0.72
C PHE H 26 -56.08 -11.34 0.28
N ASP H 27 -56.40 -10.95 1.52
CA ASP H 27 -57.06 -11.87 2.48
C ASP H 27 -58.57 -11.88 2.18
N LYS H 28 -58.99 -12.71 1.23
CA LYS H 28 -60.41 -12.87 0.79
C LYS H 28 -61.29 -13.37 1.96
N ASP H 29 -60.78 -14.33 2.76
CA ASP H 29 -61.55 -15.20 3.69
C ASP H 29 -61.28 -14.82 5.15
N GLY H 30 -60.65 -13.67 5.40
CA GLY H 30 -60.35 -13.16 6.76
C GLY H 30 -59.48 -14.11 7.59
N ASP H 31 -58.76 -15.04 6.95
CA ASP H 31 -57.83 -16.01 7.60
C ASP H 31 -56.69 -15.29 8.37
N GLY H 32 -56.23 -14.15 7.84
CA GLY H 32 -55.00 -13.46 8.27
C GLY H 32 -53.80 -13.95 7.46
N THR H 33 -54.10 -14.50 6.28
CA THR H 33 -53.26 -15.34 5.39
C THR H 33 -53.62 -14.95 3.94
N ILE H 34 -52.63 -14.85 3.05
CA ILE H 34 -52.88 -14.71 1.58
C ILE H 34 -52.30 -15.92 0.84
N THR H 35 -52.94 -16.29 -0.28
CA THR H 35 -52.35 -17.11 -1.36
C THR H 35 -51.00 -16.52 -1.75
N THR H 36 -49.95 -17.34 -1.70
CA THR H 36 -48.56 -17.01 -2.07
C THR H 36 -48.47 -16.36 -3.45
N LYS H 37 -49.20 -16.90 -4.44
CA LYS H 37 -49.25 -16.33 -5.82
C LYS H 37 -49.43 -14.80 -5.74
N GLU H 38 -50.11 -14.29 -4.72
CA GLU H 38 -50.47 -12.85 -4.60
C GLU H 38 -49.34 -12.01 -4.02
N LEU H 39 -48.19 -12.58 -3.66
CA LEU H 39 -47.16 -11.78 -2.96
C LEU H 39 -46.61 -10.73 -3.94
N GLY H 40 -46.57 -11.06 -5.24
CA GLY H 40 -46.09 -10.14 -6.29
C GLY H 40 -46.95 -8.89 -6.38
N THR H 41 -48.29 -9.04 -6.41
CA THR H 41 -49.23 -7.89 -6.52
C THR H 41 -49.22 -7.04 -5.23
N VAL H 42 -49.15 -7.68 -4.05
CA VAL H 42 -48.88 -6.98 -2.75
C VAL H 42 -47.67 -6.05 -2.91
N MET H 43 -46.54 -6.58 -3.34
CA MET H 43 -45.25 -5.84 -3.45
C MET H 43 -45.36 -4.77 -4.55
N ARG H 44 -46.02 -5.06 -5.68
CA ARG H 44 -46.32 -4.04 -6.72
C ARG H 44 -47.17 -2.92 -6.11
N SER H 45 -48.11 -3.26 -5.22
CA SER H 45 -48.98 -2.25 -4.57
C SER H 45 -48.13 -1.34 -3.65
N LEU H 46 -46.96 -1.80 -3.22
CA LEU H 46 -46.02 -0.97 -2.42
C LEU H 46 -45.11 -0.16 -3.37
N GLY H 47 -45.35 -0.24 -4.68
CA GLY H 47 -44.51 0.41 -5.71
C GLY H 47 -43.17 -0.28 -5.89
N GLN H 48 -43.03 -1.53 -5.48
CA GLN H 48 -41.83 -2.35 -5.77
C GLN H 48 -42.09 -3.12 -7.07
N ASN H 49 -41.06 -3.75 -7.64
CA ASN H 49 -41.21 -4.53 -8.91
C ASN H 49 -40.28 -5.73 -8.87
N PRO H 50 -40.44 -6.66 -7.91
CA PRO H 50 -39.51 -7.78 -7.80
C PRO H 50 -39.75 -8.80 -8.93
N THR H 51 -38.77 -9.67 -9.08
CA THR H 51 -38.72 -10.74 -10.11
C THR H 51 -39.25 -12.01 -9.46
N GLU H 52 -39.68 -12.97 -10.26
CA GLU H 52 -40.11 -14.32 -9.83
C GLU H 52 -39.19 -14.84 -8.72
N ALA H 53 -37.87 -14.75 -8.92
CA ALA H 53 -36.86 -15.41 -8.06
C ALA H 53 -36.59 -14.54 -6.83
N GLU H 54 -36.69 -13.22 -6.99
CA GLU H 54 -36.63 -12.30 -5.83
C GLU H 54 -37.70 -12.76 -4.84
N LEU H 55 -38.87 -13.15 -5.37
CA LEU H 55 -40.07 -13.50 -4.56
C LEU H 55 -39.82 -14.84 -3.89
N GLN H 56 -39.27 -15.80 -4.64
CA GLN H 56 -38.90 -17.11 -4.04
C GLN H 56 -37.91 -16.87 -2.90
N ASP H 57 -36.97 -15.94 -3.04
CA ASP H 57 -35.96 -15.66 -1.98
C ASP H 57 -36.68 -15.16 -0.71
N MET H 58 -37.75 -14.36 -0.87
CA MET H 58 -38.52 -13.74 0.24
C MET H 58 -39.31 -14.82 0.99
N ILE H 59 -39.96 -15.70 0.25
CA ILE H 59 -40.70 -16.86 0.78
C ILE H 59 -39.70 -17.77 1.50
N ASN H 60 -38.55 -18.00 0.87
CA ASN H 60 -37.43 -18.79 1.45
C ASN H 60 -36.98 -18.20 2.79
N GLU H 61 -36.86 -16.88 2.90
CA GLU H 61 -36.25 -16.22 4.09
C GLU H 61 -36.89 -16.73 5.37
N VAL H 62 -38.20 -16.93 5.34
CA VAL H 62 -39.05 -17.31 6.51
C VAL H 62 -39.49 -18.76 6.37
N ASP H 63 -38.64 -19.57 5.74
CA ASP H 63 -38.77 -21.04 5.63
C ASP H 63 -40.16 -21.44 5.08
N ALA H 64 -40.77 -20.62 4.24
CA ALA H 64 -42.13 -20.85 3.70
C ALA H 64 -42.07 -21.35 2.23
N ASP H 65 -40.92 -21.90 1.81
CA ASP H 65 -40.71 -22.35 0.40
C ASP H 65 -41.73 -23.44 0.06
N GLY H 66 -42.45 -23.25 -1.06
CA GLY H 66 -43.47 -24.18 -1.57
C GLY H 66 -44.64 -24.32 -0.60
N ASN H 67 -44.82 -23.35 0.28
CA ASN H 67 -46.06 -23.22 1.10
C ASN H 67 -47.13 -22.62 0.19
N GLY H 68 -48.40 -23.00 0.38
CA GLY H 68 -49.53 -22.43 -0.35
C GLY H 68 -49.82 -21.01 0.09
N THR H 69 -49.69 -20.73 1.39
CA THR H 69 -50.06 -19.43 1.99
C THR H 69 -48.86 -18.79 2.72
N ILE H 70 -49.01 -17.50 3.04
CA ILE H 70 -48.06 -16.68 3.81
C ILE H 70 -48.86 -16.06 4.94
N ASP H 71 -48.35 -16.13 6.18
CA ASP H 71 -48.84 -15.41 7.40
C ASP H 71 -48.49 -13.93 7.29
N PHE H 72 -49.04 -13.12 8.17
CA PHE H 72 -48.71 -11.67 8.30
C PHE H 72 -47.39 -11.54 9.03
N PRO H 73 -47.11 -12.30 10.12
CA PRO H 73 -45.78 -12.28 10.74
C PRO H 73 -44.63 -12.66 9.81
N GLU H 74 -44.78 -13.77 9.09
CA GLU H 74 -43.93 -14.15 7.94
C GLU H 74 -43.66 -12.91 7.08
N PHE H 75 -44.72 -12.28 6.54
CA PHE H 75 -44.61 -11.12 5.63
C PHE H 75 -43.78 -10.03 6.31
N LEU H 76 -44.11 -9.71 7.57
CA LEU H 76 -43.41 -8.60 8.26
C LEU H 76 -41.90 -8.96 8.37
N THR H 77 -41.56 -10.24 8.58
CA THR H 77 -40.17 -10.72 8.74
C THR H 77 -39.45 -10.65 7.38
N MET H 78 -40.10 -11.00 6.27
CA MET H 78 -39.51 -10.91 4.90
C MET H 78 -39.05 -9.46 4.64
N MET H 79 -39.94 -8.50 4.90
CA MET H 79 -39.81 -7.05 4.60
C MET H 79 -38.71 -6.46 5.48
N ALA H 80 -38.82 -6.61 6.79
CA ALA H 80 -37.81 -6.12 7.78
C ALA H 80 -36.41 -6.65 7.44
N ARG H 81 -36.31 -7.88 6.92
CA ARG H 81 -35.01 -8.48 6.57
C ARG H 81 -34.55 -7.86 5.25
N LYS H 82 -35.43 -7.82 4.25
CA LYS H 82 -35.04 -7.35 2.89
C LYS H 82 -34.64 -5.86 2.93
N MET H 83 -35.36 -5.04 3.69
CA MET H 83 -35.16 -3.57 3.86
C MET H 83 -33.74 -3.27 4.35
N LYS H 84 -33.07 -4.21 5.02
CA LYS H 84 -31.73 -4.02 5.64
C LYS H 84 -30.68 -4.96 5.03
N ASP H 85 -31.00 -5.76 4.00
CA ASP H 85 -30.03 -6.71 3.40
C ASP H 85 -29.06 -5.95 2.50
N THR H 86 -27.84 -5.75 2.96
CA THR H 86 -26.77 -5.07 2.22
C THR H 86 -25.78 -6.12 1.72
N ASP H 87 -26.18 -7.40 1.73
CA ASP H 87 -25.37 -8.55 1.22
C ASP H 87 -24.93 -8.27 -0.23
N SER H 88 -23.64 -8.45 -0.50
CA SER H 88 -22.97 -8.22 -1.81
C SER H 88 -23.70 -9.01 -2.90
N GLU H 89 -24.01 -10.28 -2.66
CA GLU H 89 -24.62 -11.19 -3.67
C GLU H 89 -25.95 -10.57 -4.14
N GLU H 90 -26.76 -10.16 -3.17
CA GLU H 90 -28.10 -9.56 -3.38
C GLU H 90 -27.90 -8.31 -4.25
N GLU H 91 -26.98 -7.43 -3.90
CA GLU H 91 -26.69 -6.22 -4.72
C GLU H 91 -26.43 -6.63 -6.18
N ILE H 92 -25.56 -7.62 -6.44
CA ILE H 92 -25.24 -8.05 -7.85
C ILE H 92 -26.52 -8.59 -8.48
N ARG H 93 -27.36 -9.27 -7.69
CA ARG H 93 -28.60 -9.90 -8.18
C ARG H 93 -29.60 -8.81 -8.56
N GLU H 94 -29.62 -7.70 -7.82
CA GLU H 94 -30.59 -6.59 -8.02
C GLU H 94 -30.07 -5.69 -9.15
N ALA H 95 -28.77 -5.66 -9.44
CA ALA H 95 -28.27 -4.92 -10.62
C ALA H 95 -28.71 -5.65 -11.89
N PHE H 96 -28.58 -6.97 -11.94
CA PHE H 96 -28.99 -7.81 -13.12
C PHE H 96 -30.51 -7.68 -13.35
N ARG H 97 -31.30 -7.55 -12.28
CA ARG H 97 -32.79 -7.59 -12.35
C ARG H 97 -33.32 -6.29 -12.97
N VAL H 98 -32.53 -5.22 -12.96
CA VAL H 98 -32.77 -3.92 -13.65
C VAL H 98 -33.02 -4.18 -15.14
N PHE H 99 -32.32 -5.12 -15.74
CA PHE H 99 -32.33 -5.35 -17.21
C PHE H 99 -33.23 -6.54 -17.56
N ASP H 100 -33.97 -7.04 -16.56
CA ASP H 100 -34.93 -8.17 -16.74
C ASP H 100 -36.33 -7.56 -16.69
N LYS H 101 -36.84 -7.12 -17.84
CA LYS H 101 -38.12 -6.38 -17.99
C LYS H 101 -39.29 -7.21 -17.43
N ASP H 102 -39.43 -8.49 -17.81
CA ASP H 102 -40.63 -9.31 -17.49
C ASP H 102 -40.49 -9.96 -16.09
N GLY H 103 -39.27 -10.15 -15.59
CA GLY H 103 -39.02 -10.62 -14.21
C GLY H 103 -38.94 -12.13 -14.13
N ASN H 104 -38.72 -12.80 -15.26
CA ASN H 104 -38.80 -14.28 -15.40
C ASN H 104 -37.44 -14.94 -15.08
N GLY H 105 -36.39 -14.14 -14.97
CA GLY H 105 -35.06 -14.56 -14.49
C GLY H 105 -34.12 -14.81 -15.65
N TYR H 106 -34.53 -14.43 -16.86
CA TYR H 106 -33.76 -14.52 -18.11
C TYR H 106 -33.63 -13.11 -18.69
N ILE H 107 -32.51 -12.88 -19.37
CA ILE H 107 -32.17 -11.70 -20.19
C ILE H 107 -31.65 -12.29 -21.50
N SER H 108 -32.14 -11.80 -22.64
CA SER H 108 -31.71 -12.33 -23.95
C SER H 108 -30.20 -12.10 -24.02
N ALA H 109 -29.46 -13.05 -24.57
CA ALA H 109 -28.02 -12.89 -24.86
C ALA H 109 -27.76 -11.56 -25.60
N ALA H 110 -28.67 -11.15 -26.48
CA ALA H 110 -28.52 -9.96 -27.34
C ALA H 110 -28.70 -8.70 -26.50
N GLU H 111 -29.69 -8.74 -25.60
CA GLU H 111 -30.00 -7.64 -24.66
C GLU H 111 -28.86 -7.55 -23.64
N LEU H 112 -28.31 -8.69 -23.20
CA LEU H 112 -27.15 -8.65 -22.29
C LEU H 112 -25.96 -8.06 -23.05
N ARG H 113 -25.77 -8.46 -24.30
CA ARG H 113 -24.64 -7.95 -25.12
C ARG H 113 -24.71 -6.42 -25.16
N HIS H 114 -25.92 -5.89 -25.31
CA HIS H 114 -26.22 -4.46 -25.59
C HIS H 114 -25.89 -3.62 -24.35
N VAL H 115 -26.42 -4.00 -23.20
CA VAL H 115 -26.18 -3.28 -21.92
C VAL H 115 -24.68 -3.32 -21.64
N MET H 116 -24.05 -4.49 -21.79
CA MET H 116 -22.64 -4.68 -21.35
C MET H 116 -21.72 -3.83 -22.22
N THR H 117 -22.04 -3.63 -23.50
CA THR H 117 -21.19 -2.88 -24.45
C THR H 117 -21.59 -1.40 -24.60
N ASN H 118 -22.78 -0.97 -24.14
CA ASN H 118 -23.26 0.45 -24.30
C ASN H 118 -23.32 1.24 -22.98
N LEU H 119 -23.47 0.58 -21.81
CA LEU H 119 -23.60 1.25 -20.47
C LEU H 119 -22.41 0.97 -19.56
N GLY H 120 -22.19 1.86 -18.58
CA GLY H 120 -21.21 1.66 -17.49
C GLY H 120 -19.82 1.73 -18.08
N GLU H 121 -18.87 0.99 -17.51
CA GLU H 121 -17.47 0.88 -18.01
C GLU H 121 -17.51 -0.13 -19.14
N LYS H 122 -17.89 0.34 -20.33
CA LYS H 122 -18.38 -0.47 -21.47
C LYS H 122 -17.40 -1.62 -21.73
N LEU H 123 -17.86 -2.88 -21.67
CA LEU H 123 -17.03 -4.06 -22.03
C LEU H 123 -16.70 -3.96 -23.52
N THR H 124 -15.56 -4.51 -23.91
CA THR H 124 -15.12 -4.67 -25.32
C THR H 124 -15.83 -5.90 -25.88
N ASP H 125 -15.85 -6.04 -27.20
CA ASP H 125 -16.49 -7.20 -27.87
C ASP H 125 -15.82 -8.48 -27.34
N GLU H 126 -14.50 -8.53 -27.32
CA GLU H 126 -13.76 -9.69 -26.75
C GLU H 126 -14.42 -10.03 -25.41
N GLU H 127 -14.39 -9.09 -24.46
CA GLU H 127 -14.81 -9.24 -23.04
C GLU H 127 -16.23 -9.81 -22.91
N VAL H 128 -17.18 -9.35 -23.74
CA VAL H 128 -18.62 -9.75 -23.69
C VAL H 128 -18.82 -11.08 -24.44
N ASP H 129 -17.97 -11.38 -25.44
CA ASP H 129 -18.00 -12.70 -26.11
C ASP H 129 -17.72 -13.76 -25.04
N GLU H 130 -16.60 -13.61 -24.32
CA GLU H 130 -16.27 -14.51 -23.19
C GLU H 130 -17.51 -14.64 -22.30
N MET H 131 -18.15 -13.51 -21.99
CA MET H 131 -19.24 -13.42 -20.98
C MET H 131 -20.43 -14.28 -21.41
N ILE H 132 -20.92 -14.09 -22.63
CA ILE H 132 -22.14 -14.78 -23.14
C ILE H 132 -21.84 -16.29 -23.20
N ARG H 133 -20.71 -16.71 -23.78
CA ARG H 133 -20.32 -18.14 -23.84
C ARG H 133 -20.42 -18.79 -22.46
N GLU H 134 -20.02 -18.13 -21.37
CA GLU H 134 -20.14 -18.75 -20.02
CA GLU H 134 -20.12 -18.68 -19.99
C GLU H 134 -21.53 -18.45 -19.43
N ALA H 135 -22.19 -17.35 -19.83
CA ALA H 135 -23.47 -16.90 -19.22
C ALA H 135 -24.70 -17.57 -19.87
N ASP H 136 -24.69 -17.81 -21.19
CA ASP H 136 -25.70 -18.61 -21.92
C ASP H 136 -25.45 -20.09 -21.57
N ILE H 137 -25.81 -20.46 -20.33
CA ILE H 137 -25.43 -21.74 -19.63
C ILE H 137 -25.91 -22.94 -20.45
N ASP H 138 -27.13 -22.86 -21.01
CA ASP H 138 -27.82 -23.94 -21.77
C ASP H 138 -27.50 -23.80 -23.28
N GLY H 139 -27.28 -22.58 -23.77
CA GLY H 139 -26.96 -22.31 -25.19
C GLY H 139 -28.16 -21.76 -25.98
N ASP H 140 -29.31 -21.60 -25.31
CA ASP H 140 -30.60 -21.31 -25.98
C ASP H 140 -30.66 -19.85 -26.48
N GLY H 141 -29.77 -18.97 -26.01
CA GLY H 141 -29.78 -17.52 -26.32
C GLY H 141 -30.39 -16.72 -25.18
N GLN H 142 -30.65 -17.41 -24.06
CA GLN H 142 -31.19 -16.86 -22.80
C GLN H 142 -30.14 -17.02 -21.70
N VAL H 143 -29.81 -15.91 -21.04
CA VAL H 143 -28.92 -15.87 -19.85
C VAL H 143 -29.79 -16.05 -18.61
N ASN H 144 -29.76 -17.23 -17.98
CA ASN H 144 -30.26 -17.37 -16.60
C ASN H 144 -29.23 -16.70 -15.67
N TYR H 145 -29.34 -15.40 -15.46
CA TYR H 145 -28.35 -14.56 -14.75
C TYR H 145 -28.23 -15.01 -13.28
N GLU H 146 -29.35 -15.31 -12.61
CA GLU H 146 -29.39 -15.82 -11.21
C GLU H 146 -28.38 -16.97 -11.07
N GLU H 147 -28.35 -17.89 -12.03
CA GLU H 147 -27.43 -19.05 -12.06
C GLU H 147 -26.03 -18.51 -12.38
N PHE H 148 -25.91 -17.65 -13.38
CA PHE H 148 -24.60 -17.08 -13.74
C PHE H 148 -23.96 -16.47 -12.49
N VAL H 149 -24.79 -15.93 -11.57
CA VAL H 149 -24.32 -15.23 -10.33
C VAL H 149 -23.87 -16.27 -9.30
N GLN H 150 -24.50 -17.45 -9.29
CA GLN H 150 -24.05 -18.63 -8.51
C GLN H 150 -22.60 -18.93 -8.90
N MET H 151 -22.33 -19.13 -10.20
CA MET H 151 -20.97 -19.37 -10.74
C MET H 151 -20.00 -18.30 -10.18
N MET H 152 -20.18 -17.03 -10.57
CA MET H 152 -19.25 -15.91 -10.21
C MET H 152 -19.04 -15.80 -8.69
N THR H 153 -19.83 -16.53 -7.88
CA THR H 153 -19.66 -16.74 -6.41
C THR H 153 -19.33 -18.21 -6.13
#